data_8CUQ
#
_entry.id   8CUQ
#
_cell.length_a   43.320
_cell.length_b   83.940
_cell.length_c   204.460
_cell.angle_alpha   90.000
_cell.angle_beta   90.000
_cell.angle_gamma   90.000
#
_symmetry.space_group_name_H-M   'P 21 21 21'
#
loop_
_entity.id
_entity.type
_entity.pdbx_description
1 polymer Beta-lactamase
2 non-polymer '3-[(4R)-4-ethyl-5,7,7-trihydroxy-2,2,7-trioxo-6-oxa-2lambda~6~-thia-3-aza-7lambda~5~-phospha-5-boraheptan-1-yl]benzoic acid'
3 water water
#
_entity_poly.entity_id   1
_entity_poly.type   'polypeptide(L)'
_entity_poly.pdbx_seq_one_letter_code
;MGNTPKDQEIKKLVDQNFKPLLEKYDVPGMAVGVIQNNKKYEMYYGLQSVQDKKAVNSSTIFELGSVSKLFTATAGGYAK
NKGKISFDDTPGKYWKELKNTPIDQVNLLQLATYTSGNLALQFPDEVKTDQQVLTFFKDWKPKNSIGEYRQYSNPSIGLF
GKVVALSMNKPFDQVLEKTIFPALGLKHSYVNVPKTQMQNYAFGYNQENQPIRVNRGPLDAAPAYGVKSTLPDMLSFIHA
NLNPQKYPADIQRAINETHQGRYQVNTMYQALGWEEFSYPATLQTLLDSNSEQIVMKPNKVTAISKEPSVKMYHKTGSTN
GFGTYVVFIPKENIGLVMLTNKRIPNEERIKAAYAVLNAIKK
;
_entity_poly.pdbx_strand_id   B,A
#
# COMPACT_ATOMS: atom_id res chain seq x y z
N ASN A 3 -9.95 -14.06 -28.22
CA ASN A 3 -8.81 -13.25 -27.79
C ASN A 3 -7.71 -14.15 -27.24
N THR A 4 -7.62 -14.27 -25.92
CA THR A 4 -6.59 -15.08 -25.26
C THR A 4 -7.24 -15.98 -24.21
N PRO A 5 -6.99 -17.30 -24.25
CA PRO A 5 -7.57 -18.19 -23.24
C PRO A 5 -7.17 -17.81 -21.81
N LYS A 6 -8.06 -18.15 -20.87
CA LYS A 6 -7.90 -17.75 -19.48
C LYS A 6 -6.61 -18.31 -18.88
N ASP A 7 -6.26 -19.57 -19.21
CA ASP A 7 -5.05 -20.10 -18.61
C ASP A 7 -3.83 -19.29 -19.05
N GLN A 8 -3.84 -18.79 -20.29
CA GLN A 8 -2.74 -18.00 -20.80
C GLN A 8 -2.73 -16.61 -20.16
N GLU A 9 -3.91 -16.05 -19.92
CA GLU A 9 -3.99 -14.74 -19.27
C GLU A 9 -3.41 -14.79 -17.87
N ILE A 10 -3.79 -15.81 -17.09
CA ILE A 10 -3.24 -15.99 -15.75
C ILE A 10 -1.74 -16.24 -15.81
N LYS A 11 -1.29 -17.11 -16.72
CA LYS A 11 0.15 -17.32 -16.86
C LYS A 11 0.88 -16.03 -17.21
N LYS A 12 0.31 -15.21 -18.10
CA LYS A 12 0.95 -13.94 -18.43
C LYS A 12 1.05 -13.02 -17.21
N LEU A 13 0.01 -13.00 -16.37
CA LEU A 13 0.04 -12.15 -15.18
C LEU A 13 1.06 -12.64 -14.16
N VAL A 14 1.20 -13.96 -14.00
CA VAL A 14 2.22 -14.48 -13.11
C VAL A 14 3.62 -14.21 -13.67
N ASP A 15 3.79 -14.36 -14.98
CA ASP A 15 5.06 -14.02 -15.62
C ASP A 15 5.42 -12.56 -15.37
N GLN A 16 4.42 -11.67 -15.43
CA GLN A 16 4.72 -10.24 -15.32
C GLN A 16 5.06 -9.85 -13.89
N ASN A 17 4.49 -10.53 -12.91
CA ASN A 17 4.59 -10.07 -11.53
C ASN A 17 5.46 -10.95 -10.64
N PHE A 18 5.49 -12.27 -10.86
CA PHE A 18 6.31 -13.14 -10.04
C PHE A 18 7.63 -13.51 -10.71
N LYS A 19 7.61 -13.80 -12.01
CA LYS A 19 8.84 -14.23 -12.66
C LYS A 19 10.00 -13.25 -12.49
N PRO A 20 9.83 -11.92 -12.54
CA PRO A 20 10.97 -11.02 -12.33
C PRO A 20 11.64 -11.17 -10.97
N LEU A 21 10.92 -11.69 -9.97
CA LEU A 21 11.50 -11.84 -8.64
C LEU A 21 12.63 -12.88 -8.64
N LEU A 22 12.58 -13.85 -9.56
CA LEU A 22 13.65 -14.86 -9.58
C LEU A 22 15.00 -14.21 -9.88
N GLU A 23 15.06 -13.35 -10.91
CA GLU A 23 16.31 -12.65 -11.23
C GLU A 23 16.64 -11.60 -10.17
N LYS A 24 15.63 -10.86 -9.71
CA LYS A 24 15.90 -9.77 -8.76
C LYS A 24 16.54 -10.29 -7.48
N TYR A 25 16.06 -11.43 -6.97
CA TYR A 25 16.54 -11.97 -5.71
C TYR A 25 17.36 -13.24 -5.86
N ASP A 26 17.75 -13.62 -7.10
CA ASP A 26 18.62 -14.78 -7.31
C ASP A 26 18.01 -16.06 -6.75
N VAL A 27 16.73 -16.27 -7.06
CA VAL A 27 15.95 -17.38 -6.53
C VAL A 27 16.07 -18.57 -7.47
N PRO A 28 16.51 -19.75 -7.01
CA PRO A 28 16.61 -20.88 -7.97
C PRO A 28 15.30 -21.37 -8.52
N GLY A 29 14.25 -21.47 -7.71
CA GLY A 29 13.03 -22.12 -8.12
C GLY A 29 11.81 -21.52 -7.47
N MET A 30 10.68 -21.59 -8.16
CA MET A 30 9.44 -21.01 -7.67
C MET A 30 8.26 -21.81 -8.20
N ALA A 31 7.24 -21.99 -7.38
CA ALA A 31 5.97 -22.50 -7.84
C ALA A 31 4.87 -21.51 -7.46
N VAL A 32 4.02 -21.15 -8.43
CA VAL A 32 2.89 -20.26 -8.21
C VAL A 32 1.62 -20.95 -8.68
N GLY A 33 0.61 -21.00 -7.83
CA GLY A 33 -0.66 -21.61 -8.18
C GLY A 33 -1.77 -20.60 -7.98
N VAL A 34 -2.74 -20.61 -8.90
CA VAL A 34 -3.95 -19.80 -8.76
C VAL A 34 -5.14 -20.74 -8.85
N ILE A 35 -6.10 -20.57 -7.95
CA ILE A 35 -7.38 -21.26 -8.12
C ILE A 35 -8.46 -20.22 -8.32
N GLN A 36 -9.26 -20.37 -9.38
CA GLN A 36 -10.37 -19.44 -9.61
C GLN A 36 -11.58 -20.26 -10.02
N ASN A 37 -12.70 -20.10 -9.32
CA ASN A 37 -13.93 -20.82 -9.63
C ASN A 37 -13.68 -22.32 -9.77
N ASN A 38 -12.93 -22.87 -8.82
CA ASN A 38 -12.61 -24.30 -8.74
C ASN A 38 -11.78 -24.81 -9.92
N LYS A 39 -11.20 -23.93 -10.71
CA LYS A 39 -10.19 -24.31 -11.70
C LYS A 39 -8.82 -23.98 -11.16
N LYS A 40 -7.86 -24.91 -11.29
CA LYS A 40 -6.52 -24.75 -10.76
C LYS A 40 -5.55 -24.47 -11.90
N TYR A 41 -4.63 -23.53 -11.68
CA TYR A 41 -3.62 -23.15 -12.66
C TYR A 41 -2.28 -23.22 -11.95
N GLU A 42 -1.34 -23.98 -12.51
CA GLU A 42 -0.06 -24.21 -11.85
C GLU A 42 1.06 -23.69 -12.74
N MET A 43 2.00 -22.97 -12.15
CA MET A 43 3.11 -22.40 -12.89
C MET A 43 4.41 -22.71 -12.15
N TYR A 44 5.36 -23.32 -12.84
CA TYR A 44 6.60 -23.76 -12.22
C TYR A 44 7.77 -23.09 -12.93
N TYR A 45 8.74 -22.60 -12.15
CA TYR A 45 9.90 -21.90 -12.68
C TYR A 45 11.17 -22.41 -12.04
N GLY A 46 12.25 -22.47 -12.85
CA GLY A 46 13.52 -22.69 -12.21
C GLY A 46 13.75 -24.12 -11.75
N LEU A 47 14.67 -24.24 -10.79
CA LEU A 47 15.20 -25.53 -10.36
C LEU A 47 14.94 -25.78 -8.90
N GLN A 48 14.52 -27.01 -8.58
CA GLN A 48 14.45 -27.41 -7.17
C GLN A 48 15.82 -27.74 -6.59
N SER A 49 16.75 -28.21 -7.43
CA SER A 49 18.15 -28.42 -7.03
C SER A 49 19.01 -27.84 -8.14
N VAL A 50 19.81 -26.85 -7.81
CA VAL A 50 20.69 -26.23 -8.80
C VAL A 50 21.74 -27.22 -9.28
N GLN A 51 22.36 -27.94 -8.34
CA GLN A 51 23.48 -28.80 -8.73
C GLN A 51 23.00 -30.01 -9.54
N ASP A 52 21.75 -30.44 -9.35
CA ASP A 52 21.20 -31.57 -10.08
C ASP A 52 20.49 -31.15 -11.37
N LYS A 53 20.34 -29.85 -11.60
CA LYS A 53 19.61 -29.34 -12.76
C LYS A 53 18.21 -29.94 -12.83
N LYS A 54 17.57 -30.07 -11.66
CA LYS A 54 16.26 -30.68 -11.56
C LYS A 54 15.19 -29.59 -11.50
N ALA A 55 14.29 -29.58 -12.49
CA ALA A 55 13.29 -28.53 -12.59
C ALA A 55 12.25 -28.63 -11.48
N VAL A 56 11.81 -27.45 -11.00
CA VAL A 56 10.62 -27.38 -10.15
C VAL A 56 9.44 -27.94 -10.93
N ASN A 57 8.61 -28.74 -10.26
CA ASN A 57 7.47 -29.37 -10.92
C ASN A 57 6.41 -29.68 -9.88
N SER A 58 5.32 -30.32 -10.33
CA SER A 58 4.19 -30.62 -9.44
C SER A 58 4.55 -31.54 -8.29
N SER A 59 5.65 -32.30 -8.38
CA SER A 59 6.08 -33.15 -7.27
C SER A 59 7.03 -32.47 -6.30
N THR A 60 7.50 -31.26 -6.62
CA THR A 60 8.50 -30.60 -5.77
C THR A 60 7.91 -30.29 -4.40
N ILE A 61 8.63 -30.70 -3.34
CA ILE A 61 8.22 -30.46 -1.96
C ILE A 61 9.00 -29.26 -1.44
N PHE A 62 8.27 -28.31 -0.85
CA PHE A 62 8.84 -27.09 -0.28
C PHE A 62 8.54 -27.02 1.22
N GLU A 63 9.43 -26.35 1.98
CA GLU A 63 9.14 -26.00 3.38
C GLU A 63 8.20 -24.81 3.45
N LEU A 64 7.12 -24.95 4.24
CA LEU A 64 6.11 -23.90 4.39
C LEU A 64 6.42 -22.87 5.47
N GLY A 65 7.39 -23.12 6.35
CA GLY A 65 7.64 -22.16 7.43
C GLY A 65 6.37 -21.91 8.25
N SER A 66 6.12 -20.64 8.55
CA SER A 66 5.00 -20.27 9.42
C SER A 66 3.63 -20.60 8.80
N VAL A 67 3.56 -20.86 7.49
CA VAL A 67 2.30 -21.32 6.92
C VAL A 67 1.89 -22.67 7.52
N SER A 68 2.85 -23.39 8.12
CA SER A 68 2.53 -24.57 8.93
C SER A 68 1.46 -24.28 9.97
N LYS A 69 1.41 -23.05 10.50
CA LYS A 69 0.46 -22.70 11.55
CA LYS A 69 0.46 -22.71 11.56
C LYS A 69 -0.98 -22.82 11.08
N LEU A 70 -1.22 -22.75 9.77
CA LEU A 70 -2.57 -22.92 9.26
C LEU A 70 -3.07 -24.34 9.47
N PHE A 71 -2.17 -25.32 9.37
CA PHE A 71 -2.57 -26.70 9.57
C PHE A 71 -2.75 -26.99 11.05
N THR A 72 -1.88 -26.42 11.89
CA THR A 72 -2.08 -26.50 13.33
C THR A 72 -3.42 -25.91 13.74
N ALA A 73 -3.74 -24.75 13.17
CA ALA A 73 -5.03 -24.11 13.44
C ALA A 73 -6.18 -25.02 13.03
N THR A 74 -6.09 -25.60 11.83
CA THR A 74 -7.13 -26.52 11.38
C THR A 74 -7.24 -27.73 12.30
N ALA A 75 -6.10 -28.24 12.78
CA ALA A 75 -6.12 -29.38 13.70
C ALA A 75 -6.80 -28.99 15.01
N GLY A 76 -6.57 -27.77 15.48
CA GLY A 76 -7.25 -27.31 16.69
C GLY A 76 -8.74 -27.17 16.49
N GLY A 77 -9.15 -26.63 15.33
CA GLY A 77 -10.58 -26.54 15.03
C GLY A 77 -11.21 -27.90 14.95
N TYR A 78 -10.47 -28.88 14.42
CA TYR A 78 -10.99 -30.25 14.32
C TYR A 78 -11.20 -30.84 15.71
N ALA A 79 -10.19 -30.73 16.58
CA ALA A 79 -10.30 -31.28 17.93
C ALA A 79 -11.39 -30.57 18.72
N LYS A 80 -11.53 -29.25 18.54
CA LYS A 80 -12.60 -28.51 19.23
C LYS A 80 -13.96 -29.02 18.81
N ASN A 81 -14.17 -29.20 17.51
CA ASN A 81 -15.51 -29.56 17.09
C ASN A 81 -15.80 -31.06 17.22
N LYS A 82 -14.79 -31.88 17.53
CA LYS A 82 -15.00 -33.24 18.01
C LYS A 82 -15.23 -33.30 19.52
N GLY A 83 -15.18 -32.17 20.22
CA GLY A 83 -15.31 -32.15 21.66
C GLY A 83 -14.10 -32.60 22.43
N LYS A 84 -12.92 -32.67 21.81
CA LYS A 84 -11.72 -33.10 22.51
C LYS A 84 -11.04 -31.96 23.27
N ILE A 85 -11.27 -30.70 22.88
CA ILE A 85 -10.80 -29.53 23.62
C ILE A 85 -11.88 -28.46 23.60
N SER A 86 -11.76 -27.53 24.55
CA SER A 86 -12.41 -26.23 24.51
C SER A 86 -11.32 -25.16 24.43
N PHE A 87 -11.56 -24.11 23.64
CA PHE A 87 -10.58 -23.04 23.57
C PHE A 87 -10.49 -22.26 24.89
N ASP A 88 -11.44 -22.46 25.80
CA ASP A 88 -11.37 -21.88 27.13
C ASP A 88 -10.54 -22.73 28.08
N ASP A 89 -10.17 -23.94 27.68
CA ASP A 89 -9.31 -24.77 28.51
C ASP A 89 -7.92 -24.14 28.62
N THR A 90 -7.20 -24.60 29.63
CA THR A 90 -5.81 -24.23 29.85
C THR A 90 -4.92 -25.43 29.56
N PRO A 91 -3.64 -25.21 29.27
CA PRO A 91 -2.78 -26.32 28.83
C PRO A 91 -2.58 -27.40 29.89
N GLY A 92 -2.60 -27.05 31.18
CA GLY A 92 -2.41 -28.03 32.23
C GLY A 92 -3.48 -29.09 32.28
N LYS A 93 -4.64 -28.84 31.67
CA LYS A 93 -5.68 -29.85 31.58
CA LYS A 93 -5.68 -29.85 31.58
C LYS A 93 -5.22 -31.07 30.79
N TYR A 94 -4.33 -30.87 29.82
CA TYR A 94 -3.86 -31.93 28.94
C TYR A 94 -2.40 -32.31 29.14
N TRP A 95 -1.53 -31.34 29.43
CA TRP A 95 -0.13 -31.59 29.78
C TRP A 95 -0.03 -31.39 31.28
N LYS A 96 -0.19 -32.48 32.05
CA LYS A 96 -0.42 -32.34 33.49
C LYS A 96 0.77 -31.76 34.23
N GLU A 97 1.99 -31.90 33.70
CA GLU A 97 3.15 -31.29 34.34
C GLU A 97 3.07 -29.77 34.36
N LEU A 98 2.11 -29.16 33.67
CA LEU A 98 1.95 -27.71 33.68
C LEU A 98 0.89 -27.24 34.65
N LYS A 99 0.15 -28.15 35.30
CA LYS A 99 -0.73 -27.73 36.39
C LYS A 99 0.05 -26.99 37.47
N ASN A 100 -0.62 -26.00 38.07
CA ASN A 100 -0.03 -25.22 39.17
C ASN A 100 1.19 -24.41 38.72
N THR A 101 1.24 -24.05 37.43
CA THR A 101 2.28 -23.18 36.90
C THR A 101 1.63 -21.93 36.34
N PRO A 102 2.38 -20.83 36.24
CA PRO A 102 1.81 -19.60 35.68
C PRO A 102 1.19 -19.78 34.31
N ILE A 103 1.82 -20.56 33.41
CA ILE A 103 1.29 -20.71 32.05
C ILE A 103 -0.06 -21.39 32.06
N ASP A 104 -0.39 -22.12 33.12
CA ASP A 104 -1.69 -22.76 33.14
C ASP A 104 -2.83 -21.76 33.39
N GLN A 105 -2.54 -20.46 33.50
CA GLN A 105 -3.58 -19.45 33.51
C GLN A 105 -3.96 -18.98 32.10
N VAL A 106 -3.23 -19.39 31.09
CA VAL A 106 -3.47 -18.93 29.72
C VAL A 106 -4.35 -19.95 29.03
N ASN A 107 -5.39 -19.49 28.33
CA ASN A 107 -6.26 -20.47 27.69
C ASN A 107 -5.76 -20.79 26.27
N LEU A 108 -6.34 -21.84 25.68
CA LEU A 108 -5.84 -22.38 24.42
C LEU A 108 -5.97 -21.36 23.28
N LEU A 109 -7.07 -20.61 23.28
CA LEU A 109 -7.25 -19.58 22.26
C LEU A 109 -6.18 -18.50 22.38
N GLN A 110 -5.81 -18.16 23.62
CA GLN A 110 -4.79 -17.14 23.81
C GLN A 110 -3.42 -17.65 23.37
N LEU A 111 -3.15 -18.94 23.55
CA LEU A 111 -1.92 -19.52 23.03
C LEU A 111 -1.93 -19.48 21.51
N ALA A 112 -3.05 -19.88 20.91
CA ALA A 112 -3.14 -20.00 19.46
C ALA A 112 -3.07 -18.65 18.75
N THR A 113 -3.45 -17.57 19.44
CA THR A 113 -3.47 -16.23 18.85
C THR A 113 -2.47 -15.28 19.52
N TYR A 114 -1.47 -15.81 20.23
CA TYR A 114 -0.26 -15.06 20.63
C TYR A 114 -0.51 -14.00 21.70
N THR A 115 -1.46 -14.20 22.61
CA THR A 115 -1.75 -13.18 23.61
C THR A 115 -1.46 -13.64 25.05
N SER A 116 -0.51 -14.54 25.25
CA SER A 116 -0.22 -14.98 26.62
C SER A 116 0.38 -13.86 27.45
N GLY A 117 1.03 -12.91 26.79
CA GLY A 117 1.65 -11.80 27.46
C GLY A 117 3.14 -11.91 27.68
N ASN A 118 3.76 -13.07 27.41
CA ASN A 118 5.20 -13.17 27.63
C ASN A 118 5.83 -14.36 26.91
N LEU A 119 5.54 -14.53 25.63
CA LEU A 119 6.19 -15.55 24.83
C LEU A 119 6.85 -14.87 23.65
N ALA A 120 8.15 -15.07 23.49
CA ALA A 120 8.90 -14.41 22.44
C ALA A 120 8.73 -15.14 21.11
N LEU A 121 9.38 -14.60 20.09
CA LEU A 121 9.22 -15.11 18.73
C LEU A 121 9.66 -16.56 18.62
N GLN A 122 10.84 -16.90 19.13
CA GLN A 122 11.39 -18.25 18.97
C GLN A 122 11.69 -18.89 20.31
N PHE A 123 11.68 -20.22 20.33
CA PHE A 123 12.30 -20.94 21.42
C PHE A 123 13.77 -20.53 21.50
N PRO A 124 14.35 -20.44 22.68
CA PRO A 124 15.80 -20.26 22.76
C PRO A 124 16.52 -21.41 22.07
N ASP A 125 17.70 -21.09 21.49
CA ASP A 125 18.47 -22.13 20.80
C ASP A 125 18.77 -23.31 21.70
N GLU A 126 19.08 -23.05 22.97
CA GLU A 126 19.41 -24.12 23.91
C GLU A 126 18.23 -25.05 24.21
N VAL A 127 17.01 -24.68 23.84
CA VAL A 127 15.83 -25.49 24.16
C VAL A 127 15.65 -26.48 23.03
N LYS A 128 16.02 -27.74 23.27
CA LYS A 128 16.05 -28.74 22.21
C LYS A 128 15.34 -30.03 22.57
N THR A 129 15.48 -30.52 23.78
CA THR A 129 14.83 -31.75 24.20
C THR A 129 13.44 -31.49 24.77
N ASP A 130 12.66 -32.56 24.84
CA ASP A 130 11.33 -32.48 25.43
C ASP A 130 11.37 -31.98 26.87
N GLN A 131 12.40 -32.35 27.63
CA GLN A 131 12.48 -31.88 29.01
C GLN A 131 12.84 -30.40 29.07
N GLN A 132 13.65 -29.91 28.13
CA GLN A 132 13.97 -28.50 28.13
C GLN A 132 12.76 -27.65 27.74
N VAL A 133 11.90 -28.18 26.87
CA VAL A 133 10.66 -27.49 26.53
C VAL A 133 9.73 -27.44 27.74
N LEU A 134 9.58 -28.57 28.43
CA LEU A 134 8.79 -28.57 29.66
C LEU A 134 9.34 -27.55 30.66
N THR A 135 10.67 -27.51 30.82
CA THR A 135 11.28 -26.57 31.76
C THR A 135 11.03 -25.14 31.31
N PHE A 136 11.15 -24.89 30.00
CA PHE A 136 10.90 -23.57 29.46
C PHE A 136 9.50 -23.09 29.81
N PHE A 137 8.51 -23.96 29.68
CA PHE A 137 7.15 -23.53 29.97
C PHE A 137 6.87 -23.47 31.46
N LYS A 138 7.53 -24.31 32.25
CA LYS A 138 7.34 -24.26 33.70
C LYS A 138 7.93 -22.98 34.28
N ASP A 139 9.03 -22.51 33.70
CA ASP A 139 9.71 -21.30 34.16
C ASP A 139 9.10 -20.04 33.57
N TRP A 140 8.04 -20.19 32.78
CA TRP A 140 7.34 -19.05 32.22
C TRP A 140 6.63 -18.27 33.32
N LYS A 141 6.81 -16.97 33.31
CA LYS A 141 6.06 -16.10 34.20
C LYS A 141 5.39 -15.03 33.36
N PRO A 142 4.22 -14.58 33.76
CA PRO A 142 3.54 -13.54 32.98
C PRO A 142 4.26 -12.21 33.06
N LYS A 143 4.13 -11.44 31.99
CA LYS A 143 4.63 -10.08 31.93
C LYS A 143 3.44 -9.15 31.82
N ASN A 144 2.92 -9.00 30.60
CA ASN A 144 1.69 -8.27 30.37
C ASN A 144 0.51 -9.05 30.92
N SER A 145 -0.61 -8.36 31.13
CA SER A 145 -1.84 -9.05 31.48
C SER A 145 -2.19 -10.02 30.36
N ILE A 146 -2.56 -11.25 30.76
CA ILE A 146 -2.90 -12.27 29.78
C ILE A 146 -4.08 -11.83 28.92
N GLY A 147 -3.96 -12.01 27.61
CA GLY A 147 -5.01 -11.68 26.69
C GLY A 147 -4.99 -10.26 26.16
N GLU A 148 -4.14 -9.39 26.71
CA GLU A 148 -4.20 -7.97 26.40
C GLU A 148 -3.35 -7.59 25.19
N TYR A 149 -2.23 -8.26 24.98
CA TYR A 149 -1.24 -7.88 23.97
C TYR A 149 -0.96 -9.05 23.04
N ARG A 150 -0.90 -8.76 21.73
CA ARG A 150 -0.46 -9.75 20.74
C ARG A 150 1.04 -9.63 20.55
N GLN A 151 1.76 -10.74 20.72
CA GLN A 151 3.16 -10.85 20.33
C GLN A 151 3.35 -12.16 19.58
N TYR A 152 3.57 -12.06 18.28
CA TYR A 152 3.76 -13.24 17.43
C TYR A 152 4.84 -14.14 18.01
N SER A 153 4.53 -15.42 18.12
CA SER A 153 5.35 -16.32 18.92
C SER A 153 5.23 -17.76 18.42
N ASN A 154 6.37 -18.35 18.05
CA ASN A 154 6.36 -19.77 17.70
C ASN A 154 6.14 -20.67 18.90
N PRO A 155 6.80 -20.47 20.06
CA PRO A 155 6.44 -21.32 21.23
C PRO A 155 4.98 -21.23 21.64
N SER A 156 4.32 -20.09 21.45
CA SER A 156 2.91 -19.98 21.81
C SER A 156 2.06 -20.97 21.02
N ILE A 157 2.20 -20.98 19.69
CA ILE A 157 1.38 -21.89 18.91
C ILE A 157 1.97 -23.30 18.93
N GLY A 158 3.26 -23.43 19.25
CA GLY A 158 3.83 -24.74 19.47
C GLY A 158 3.17 -25.44 20.65
N LEU A 159 3.00 -24.72 21.76
CA LEU A 159 2.31 -25.29 22.91
C LEU A 159 0.86 -25.62 22.58
N PHE A 160 0.17 -24.74 21.83
CA PHE A 160 -1.18 -25.04 21.37
C PHE A 160 -1.22 -26.35 20.61
N GLY A 161 -0.33 -26.51 19.62
CA GLY A 161 -0.32 -27.74 18.84
C GLY A 161 -0.04 -28.98 19.67
N LYS A 162 0.90 -28.87 20.62
CA LYS A 162 1.18 -30.00 21.50
C LYS A 162 -0.06 -30.40 22.30
N VAL A 163 -0.78 -29.42 22.82
CA VAL A 163 -1.99 -29.73 23.58
C VAL A 163 -3.07 -30.32 22.69
N VAL A 164 -3.23 -29.79 21.47
CA VAL A 164 -4.18 -30.37 20.52
C VAL A 164 -3.86 -31.85 20.32
N ALA A 165 -2.58 -32.16 20.10
CA ALA A 165 -2.17 -33.54 19.87
C ALA A 165 -2.43 -34.41 21.10
N LEU A 166 -2.12 -33.91 22.30
CA LEU A 166 -2.44 -34.65 23.53
C LEU A 166 -3.93 -34.96 23.59
N SER A 167 -4.79 -34.00 23.25
CA SER A 167 -6.22 -34.24 23.35
C SER A 167 -6.72 -35.30 22.36
N MET A 168 -5.99 -35.55 21.27
CA MET A 168 -6.32 -36.59 20.32
C MET A 168 -5.56 -37.88 20.56
N ASN A 169 -4.70 -37.92 21.60
N ASN A 169 -4.71 -37.92 21.59
CA ASN A 169 -3.98 -39.13 21.99
CA ASN A 169 -4.00 -39.15 22.00
C ASN A 169 -3.07 -39.66 20.88
C ASN A 169 -3.04 -39.65 20.91
N LYS A 170 -2.44 -38.74 20.14
CA LYS A 170 -1.45 -39.10 19.13
C LYS A 170 -0.40 -38.01 19.06
N PRO A 171 0.81 -38.34 18.59
CA PRO A 171 1.80 -37.29 18.35
C PRO A 171 1.32 -36.33 17.26
N PHE A 172 1.79 -35.09 17.35
CA PHE A 172 1.34 -34.05 16.43
C PHE A 172 1.60 -34.43 14.98
N ASP A 173 2.76 -35.05 14.70
CA ASP A 173 3.03 -35.45 13.32
C ASP A 173 1.98 -36.44 12.80
N GLN A 174 1.49 -37.31 13.70
CA GLN A 174 0.47 -38.28 13.34
C GLN A 174 -0.89 -37.61 13.18
N VAL A 175 -1.16 -36.59 14.00
CA VAL A 175 -2.41 -35.86 13.85
C VAL A 175 -2.51 -35.28 12.46
N LEU A 176 -1.44 -34.62 12.00
CA LEU A 176 -1.48 -34.07 10.65
C LEU A 176 -1.45 -35.18 9.61
N GLU A 177 -0.50 -36.11 9.71
CA GLU A 177 -0.28 -37.01 8.59
C GLU A 177 -1.34 -38.10 8.48
N LYS A 178 -1.98 -38.50 9.59
CA LYS A 178 -3.02 -39.52 9.51
C LYS A 178 -4.44 -39.00 9.58
N THR A 179 -4.66 -37.81 10.12
CA THR A 179 -6.03 -37.30 10.27
C THR A 179 -6.29 -36.06 9.40
N ILE A 180 -5.51 -35.00 9.58
CA ILE A 180 -5.88 -33.73 8.98
C ILE A 180 -5.54 -33.70 7.49
N PHE A 181 -4.31 -34.07 7.14
CA PHE A 181 -3.97 -34.06 5.71
C PHE A 181 -4.91 -34.93 4.90
N PRO A 182 -5.20 -36.18 5.31
CA PRO A 182 -6.19 -36.97 4.56
C PRO A 182 -7.57 -36.34 4.49
N ALA A 183 -8.08 -35.79 5.61
CA ALA A 183 -9.40 -35.15 5.56
C ALA A 183 -9.44 -34.00 4.56
N LEU A 184 -8.33 -33.30 4.37
CA LEU A 184 -8.28 -32.20 3.42
C LEU A 184 -7.96 -32.67 2.01
N GLY A 185 -7.72 -33.96 1.82
CA GLY A 185 -7.40 -34.48 0.51
C GLY A 185 -5.98 -34.23 0.04
N LEU A 186 -5.04 -34.00 0.95
CA LEU A 186 -3.65 -33.74 0.58
C LEU A 186 -2.89 -35.06 0.54
N LYS A 187 -2.13 -35.26 -0.53
CA LYS A 187 -1.41 -36.50 -0.76
C LYS A 187 0.11 -36.38 -0.65
N HIS A 188 0.67 -35.16 -0.67
CA HIS A 188 2.13 -35.04 -0.59
C HIS A 188 2.52 -33.94 0.37
N SER A 189 1.87 -33.92 1.53
CA SER A 189 2.18 -33.00 2.60
C SER A 189 2.68 -33.80 3.80
N TYR A 190 3.68 -33.26 4.48
CA TYR A 190 4.44 -34.03 5.46
C TYR A 190 4.89 -33.13 6.59
N VAL A 191 4.96 -33.70 7.78
CA VAL A 191 5.83 -33.21 8.84
C VAL A 191 7.23 -33.78 8.72
N ASN A 192 7.33 -35.09 8.44
CA ASN A 192 8.59 -35.77 8.16
C ASN A 192 8.52 -36.34 6.75
N VAL A 193 9.39 -35.85 5.87
CA VAL A 193 9.41 -36.32 4.49
C VAL A 193 10.01 -37.71 4.46
N PRO A 194 9.32 -38.72 3.92
CA PRO A 194 9.86 -40.08 3.91
C PRO A 194 10.95 -40.27 2.86
N LYS A 195 11.75 -41.32 3.08
CA LYS A 195 12.89 -41.59 2.20
C LYS A 195 12.45 -41.67 0.74
N THR A 196 11.27 -42.24 0.49
CA THR A 196 10.73 -42.38 -0.86
C THR A 196 10.42 -41.05 -1.53
N GLN A 197 10.40 -39.94 -0.78
CA GLN A 197 10.14 -38.63 -1.35
C GLN A 197 11.34 -37.71 -1.32
N MET A 198 12.46 -38.15 -0.72
CA MET A 198 13.63 -37.26 -0.66
C MET A 198 14.04 -36.72 -2.02
N GLN A 199 13.87 -37.51 -3.08
CA GLN A 199 14.25 -37.05 -4.40
C GLN A 199 13.39 -35.87 -4.86
N ASN A 200 12.23 -35.66 -4.23
CA ASN A 200 11.36 -34.55 -4.57
C ASN A 200 11.47 -33.38 -3.61
N TYR A 201 12.24 -33.50 -2.54
CA TYR A 201 12.37 -32.45 -1.55
C TYR A 201 13.40 -31.44 -2.05
N ALA A 202 12.93 -30.24 -2.38
CA ALA A 202 13.84 -29.21 -2.86
C ALA A 202 14.91 -28.91 -1.82
N PHE A 203 16.10 -28.59 -2.31
CA PHE A 203 17.04 -27.84 -1.51
C PHE A 203 16.48 -26.46 -1.25
N GLY A 204 16.65 -25.97 -0.02
CA GLY A 204 16.53 -24.55 0.21
C GLY A 204 17.85 -23.88 -0.05
N TYR A 205 17.82 -22.57 -0.25
CA TYR A 205 19.04 -21.85 -0.61
C TYR A 205 19.15 -20.62 0.27
N ASN A 206 20.31 -20.45 0.90
CA ASN A 206 20.48 -19.34 1.82
C ASN A 206 20.83 -18.06 1.03
N GLN A 207 21.17 -16.99 1.74
CA GLN A 207 21.38 -15.74 1.02
C GLN A 207 22.70 -15.71 0.27
N GLU A 208 23.54 -16.73 0.42
CA GLU A 208 24.70 -16.93 -0.43
C GLU A 208 24.45 -17.97 -1.51
N ASN A 209 23.18 -18.35 -1.73
CA ASN A 209 22.77 -19.35 -2.71
C ASN A 209 23.46 -20.70 -2.48
N GLN A 210 23.71 -21.00 -1.21
CA GLN A 210 24.17 -22.33 -0.86
C GLN A 210 23.00 -23.21 -0.44
N PRO A 211 22.99 -24.47 -0.90
CA PRO A 211 21.90 -25.39 -0.53
C PRO A 211 21.91 -25.73 0.95
N ILE A 212 20.72 -25.61 1.57
CA ILE A 212 20.49 -25.87 2.99
C ILE A 212 19.11 -26.50 3.12
N ARG A 213 18.77 -26.91 4.35
CA ARG A 213 17.41 -27.37 4.64
C ARG A 213 17.14 -27.18 6.13
N VAL A 214 15.85 -27.04 6.47
CA VAL A 214 15.49 -26.81 7.87
C VAL A 214 15.99 -27.98 8.71
N ASN A 215 16.80 -27.67 9.71
CA ASN A 215 17.18 -28.65 10.72
C ASN A 215 16.37 -28.48 11.99
N ARG A 216 15.52 -27.47 12.04
CA ARG A 216 14.50 -27.29 13.07
C ARG A 216 15.11 -27.10 14.46
N GLY A 217 14.25 -27.14 15.46
CA GLY A 217 14.68 -27.13 16.83
C GLY A 217 13.99 -28.26 17.55
N PRO A 218 13.23 -27.94 18.60
CA PRO A 218 12.56 -28.99 19.36
C PRO A 218 11.41 -29.58 18.57
N LEU A 219 11.03 -30.80 18.96
CA LEU A 219 9.86 -31.44 18.36
C LEU A 219 8.62 -30.56 18.45
N ASP A 220 8.42 -29.90 19.60
CA ASP A 220 7.23 -29.06 19.79
C ASP A 220 7.30 -27.75 19.02
N ALA A 221 8.30 -27.53 18.19
CA ALA A 221 8.26 -26.42 17.23
C ALA A 221 7.58 -26.80 15.92
N ALA A 222 7.35 -28.09 15.66
CA ALA A 222 6.73 -28.47 14.39
C ALA A 222 5.36 -27.84 14.14
N PRO A 223 4.48 -27.65 15.15
CA PRO A 223 3.23 -26.94 14.85
C PRO A 223 3.45 -25.51 14.40
N ALA A 224 4.62 -24.96 14.64
CA ALA A 224 4.88 -23.58 14.26
C ALA A 224 5.47 -23.47 12.86
N TYR A 225 6.34 -24.42 12.46
CA TYR A 225 7.00 -24.28 11.15
C TYR A 225 7.50 -25.59 10.56
N GLY A 226 6.95 -26.75 10.92
CA GLY A 226 7.49 -28.03 10.51
C GLY A 226 6.85 -28.72 9.32
N VAL A 227 5.96 -28.07 8.57
CA VAL A 227 5.24 -28.73 7.48
C VAL A 227 5.92 -28.48 6.14
N LYS A 228 5.90 -29.50 5.27
CA LYS A 228 6.39 -29.41 3.90
C LYS A 228 5.26 -29.83 2.97
N SER A 229 5.18 -29.20 1.79
CA SER A 229 4.08 -29.52 0.89
C SER A 229 4.46 -29.19 -0.55
N THR A 230 3.57 -29.60 -1.47
CA THR A 230 3.73 -29.33 -2.91
C THR A 230 2.73 -28.25 -3.33
N LEU A 231 2.93 -27.74 -4.53
CA LEU A 231 1.98 -26.74 -5.03
C LEU A 231 0.60 -27.34 -5.23
N PRO A 232 0.45 -28.52 -5.83
CA PRO A 232 -0.91 -29.09 -5.94
C PRO A 232 -1.60 -29.25 -4.59
N ASP A 233 -0.86 -29.72 -3.57
CA ASP A 233 -1.45 -29.87 -2.26
C ASP A 233 -1.84 -28.52 -1.65
N MET A 234 -1.03 -27.48 -1.86
CA MET A 234 -1.43 -26.20 -1.27
C MET A 234 -2.59 -25.58 -2.03
N LEU A 235 -2.72 -25.89 -3.32
CA LEU A 235 -3.91 -25.45 -4.03
C LEU A 235 -5.14 -26.18 -3.51
N SER A 236 -5.02 -27.47 -3.21
CA SER A 236 -6.13 -28.22 -2.62
C SER A 236 -6.52 -27.63 -1.27
N PHE A 237 -5.52 -27.23 -0.48
CA PHE A 237 -5.82 -26.62 0.81
C PHE A 237 -6.56 -25.29 0.63
N ILE A 238 -6.14 -24.48 -0.32
CA ILE A 238 -6.88 -23.26 -0.62
C ILE A 238 -8.30 -23.62 -1.07
N HIS A 239 -8.44 -24.63 -1.92
CA HIS A 239 -9.78 -25.05 -2.34
C HIS A 239 -10.66 -25.38 -1.13
N ALA A 240 -10.11 -26.09 -0.14
CA ALA A 240 -10.86 -26.45 1.04
C ALA A 240 -11.30 -25.22 1.82
N ASN A 241 -10.42 -24.21 1.90
CA ASN A 241 -10.76 -22.98 2.60
C ASN A 241 -11.79 -22.16 1.83
N LEU A 242 -11.79 -22.23 0.50
CA LEU A 242 -12.79 -21.55 -0.32
C LEU A 242 -14.14 -22.26 -0.32
N ASN A 243 -14.17 -23.56 -0.07
CA ASN A 243 -15.38 -24.38 -0.22
C ASN A 243 -15.52 -25.36 0.93
N PRO A 244 -15.58 -24.88 2.18
CA PRO A 244 -15.64 -25.83 3.31
C PRO A 244 -16.89 -26.68 3.26
N GLN A 245 -17.98 -26.17 2.71
CA GLN A 245 -19.24 -26.89 2.60
C GLN A 245 -19.14 -28.17 1.77
N LYS A 246 -18.06 -28.36 1.00
CA LYS A 246 -17.88 -29.57 0.22
C LYS A 246 -17.22 -30.69 1.00
N TYR A 247 -16.87 -30.46 2.27
CA TYR A 247 -16.08 -31.40 3.03
C TYR A 247 -16.91 -32.02 4.15
N PRO A 248 -16.49 -33.16 4.69
CA PRO A 248 -17.26 -33.77 5.78
C PRO A 248 -17.34 -32.85 6.99
N ALA A 249 -18.35 -33.09 7.83
CA ALA A 249 -18.72 -32.13 8.86
C ALA A 249 -17.54 -31.78 9.77
N ASP A 250 -16.74 -32.78 10.17
CA ASP A 250 -15.68 -32.52 11.15
C ASP A 250 -14.65 -31.54 10.60
N ILE A 251 -14.16 -31.80 9.39
CA ILE A 251 -13.13 -30.91 8.85
C ILE A 251 -13.77 -29.62 8.31
N GLN A 252 -15.04 -29.67 7.88
CA GLN A 252 -15.73 -28.44 7.51
C GLN A 252 -15.84 -27.48 8.68
N ARG A 253 -16.24 -27.99 9.85
CA ARG A 253 -16.31 -27.13 11.02
C ARG A 253 -14.92 -26.66 11.45
N ALA A 254 -13.89 -27.51 11.27
CA ALA A 254 -12.52 -27.10 11.59
C ALA A 254 -12.07 -25.94 10.71
N ILE A 255 -12.31 -26.04 9.39
CA ILE A 255 -11.93 -24.96 8.49
C ILE A 255 -12.65 -23.66 8.89
N ASN A 256 -13.96 -23.75 9.14
CA ASN A 256 -14.68 -22.54 9.50
C ASN A 256 -14.15 -21.92 10.78
N GLU A 257 -13.70 -22.75 11.73
CA GLU A 257 -13.11 -22.26 12.98
C GLU A 257 -11.87 -21.41 12.71
N THR A 258 -11.07 -21.81 11.72
CA THR A 258 -9.87 -21.02 11.40
C THR A 258 -10.22 -19.71 10.70
N HIS A 259 -11.44 -19.53 10.19
CA HIS A 259 -11.82 -18.31 9.52
CA HIS A 259 -11.83 -18.31 9.51
C HIS A 259 -12.43 -17.28 10.46
N GLN A 260 -12.65 -17.63 11.71
CA GLN A 260 -13.33 -16.73 12.64
C GLN A 260 -12.33 -15.74 13.23
N GLY A 261 -12.51 -14.46 12.90
CA GLY A 261 -11.73 -13.42 13.53
C GLY A 261 -11.96 -13.40 15.04
N ARG A 262 -10.88 -13.20 15.78
CA ARG A 262 -10.93 -13.25 17.24
C ARG A 262 -10.71 -11.90 17.91
N TYR A 263 -9.88 -11.05 17.33
CA TYR A 263 -9.65 -9.69 17.81
C TYR A 263 -9.04 -8.95 16.63
N GLN A 264 -8.87 -7.65 16.80
CA GLN A 264 -8.20 -6.82 15.80
C GLN A 264 -6.94 -6.17 16.35
N VAL A 265 -5.98 -5.95 15.47
CA VAL A 265 -4.91 -4.98 15.69
C VAL A 265 -4.94 -4.04 14.49
N ASN A 266 -5.38 -2.80 14.71
CA ASN A 266 -5.69 -1.87 13.63
C ASN A 266 -6.52 -2.56 12.55
N THR A 267 -6.02 -2.63 11.30
CA THR A 267 -6.82 -3.19 10.20
C THR A 267 -6.71 -4.71 10.06
N MET A 268 -5.84 -5.36 10.83
CA MET A 268 -5.75 -6.82 10.89
C MET A 268 -6.76 -7.43 11.83
N TYR A 269 -7.44 -8.45 11.35
CA TYR A 269 -8.15 -9.37 12.22
C TYR A 269 -7.33 -10.64 12.39
N GLN A 270 -7.10 -11.02 13.65
CA GLN A 270 -6.40 -12.27 13.93
C GLN A 270 -7.42 -13.39 13.98
N ALA A 271 -7.40 -14.29 12.98
CA ALA A 271 -8.17 -15.52 13.07
C ALA A 271 -7.26 -16.61 13.63
N LEU A 272 -7.66 -17.88 13.51
CA LEU A 272 -6.80 -18.96 13.99
C LEU A 272 -5.84 -19.32 12.86
N GLY A 273 -4.56 -18.99 13.04
CA GLY A 273 -3.56 -19.17 12.00
C GLY A 273 -3.60 -18.08 10.94
N TRP A 274 -4.74 -18.00 10.25
CA TRP A 274 -4.92 -17.01 9.21
C TRP A 274 -4.94 -15.60 9.78
N GLU A 275 -4.39 -14.65 9.02
CA GLU A 275 -4.75 -13.25 9.18
C GLU A 275 -5.89 -12.90 8.25
N GLU A 276 -6.80 -12.05 8.73
CA GLU A 276 -8.06 -11.75 8.07
C GLU A 276 -8.22 -10.24 7.86
N PHE A 277 -8.81 -9.84 6.73
CA PHE A 277 -8.97 -8.42 6.40
C PHE A 277 -10.30 -8.19 5.72
N SER A 278 -10.86 -7.01 5.95
CA SER A 278 -12.02 -6.61 5.17
C SER A 278 -11.64 -6.54 3.69
N TYR A 279 -12.53 -7.06 2.82
CA TYR A 279 -12.27 -7.04 1.39
C TYR A 279 -13.24 -6.10 0.68
N PRO A 280 -12.76 -5.27 -0.27
CA PRO A 280 -11.39 -5.14 -0.77
C PRO A 280 -10.47 -4.56 0.29
N ALA A 281 -9.23 -5.05 0.32
CA ALA A 281 -8.21 -4.53 1.21
C ALA A 281 -7.26 -3.66 0.40
N THR A 282 -6.88 -2.51 0.97
CA THR A 282 -5.80 -1.74 0.35
C THR A 282 -4.51 -2.53 0.40
N LEU A 283 -3.62 -2.27 -0.57
CA LEU A 283 -2.29 -2.86 -0.51
C LEU A 283 -1.61 -2.54 0.82
N GLN A 284 -1.71 -1.29 1.28
CA GLN A 284 -1.01 -0.95 2.52
C GLN A 284 -1.55 -1.71 3.73
N THR A 285 -2.86 -1.98 3.76
CA THR A 285 -3.40 -2.83 4.83
C THR A 285 -2.70 -4.18 4.89
N LEU A 286 -2.51 -4.81 3.72
CA LEU A 286 -1.84 -6.10 3.67
C LEU A 286 -0.36 -5.98 4.03
N LEU A 287 0.31 -4.92 3.55
CA LEU A 287 1.72 -4.73 3.93
C LEU A 287 1.86 -4.49 5.42
N ASP A 288 0.88 -3.78 6.02
CA ASP A 288 1.01 -3.42 7.43
C ASP A 288 1.01 -4.66 8.31
N SER A 289 0.27 -5.69 7.91
CA SER A 289 0.22 -6.93 8.65
C SER A 289 1.59 -7.57 8.78
N ASN A 290 2.53 -7.21 7.90
CA ASN A 290 3.86 -7.80 7.95
C ASN A 290 4.93 -6.80 8.38
N SER A 291 4.53 -5.63 8.87
CA SER A 291 5.47 -4.62 9.34
C SER A 291 6.19 -5.09 10.60
N GLU A 292 7.36 -4.48 10.86
CA GLU A 292 8.10 -4.78 12.09
C GLU A 292 7.23 -4.58 13.33
N GLN A 293 6.42 -3.52 13.33
CA GLN A 293 5.57 -3.20 14.48
C GLN A 293 4.62 -4.35 14.81
N ILE A 294 4.00 -4.93 13.77
CA ILE A 294 3.04 -6.00 14.02
C ILE A 294 3.74 -7.33 14.28
N VAL A 295 4.77 -7.66 13.51
CA VAL A 295 5.40 -8.97 13.60
C VAL A 295 6.31 -9.07 14.81
N MET A 296 7.01 -7.98 15.15
CA MET A 296 8.12 -8.10 16.06
C MET A 296 7.87 -7.50 17.44
N LYS A 297 6.85 -6.68 17.59
CA LYS A 297 6.60 -5.97 18.85
C LYS A 297 5.28 -6.42 19.46
N PRO A 298 5.08 -6.22 20.76
CA PRO A 298 3.76 -6.44 21.34
C PRO A 298 2.82 -5.32 20.92
N ASN A 299 1.55 -5.68 20.68
CA ASN A 299 0.55 -4.68 20.36
C ASN A 299 -0.73 -4.97 21.13
N LYS A 300 -1.34 -3.91 21.66
N LYS A 300 -1.34 -3.92 21.67
CA LYS A 300 -2.64 -4.03 22.32
CA LYS A 300 -2.62 -4.08 22.35
C LYS A 300 -3.67 -4.56 21.33
C LYS A 300 -3.68 -4.54 21.36
N VAL A 301 -4.46 -5.52 21.76
CA VAL A 301 -5.54 -6.03 20.91
C VAL A 301 -6.83 -5.34 21.29
N THR A 302 -7.75 -5.23 20.32
CA THR A 302 -9.05 -4.63 20.55
C THR A 302 -10.10 -5.60 20.07
N ALA A 303 -11.28 -5.55 20.68
CA ALA A 303 -12.38 -6.39 20.22
C ALA A 303 -12.76 -6.02 18.80
N ILE A 304 -13.20 -7.03 18.06
CA ILE A 304 -13.76 -6.79 16.74
C ILE A 304 -14.97 -5.88 16.87
N SER A 305 -14.99 -4.79 16.08
CA SER A 305 -16.17 -3.95 15.97
C SER A 305 -16.94 -4.24 14.68
N LYS A 306 -16.27 -4.03 13.56
CA LYS A 306 -16.91 -4.40 12.28
C LYS A 306 -16.60 -5.87 12.02
N GLU A 307 -17.62 -6.72 12.11
CA GLU A 307 -17.43 -8.11 11.73
C GLU A 307 -17.53 -8.16 10.20
N PRO A 308 -16.41 -8.29 9.48
CA PRO A 308 -16.48 -8.12 8.01
C PRO A 308 -17.30 -9.22 7.37
N SER A 309 -18.31 -8.83 6.60
CA SER A 309 -19.07 -9.80 5.83
C SER A 309 -18.23 -10.31 4.67
N VAL A 310 -17.56 -9.39 3.99
CA VAL A 310 -16.78 -9.69 2.79
C VAL A 310 -15.32 -9.55 3.20
N LYS A 311 -14.58 -10.63 3.11
CA LYS A 311 -13.26 -10.66 3.74
C LYS A 311 -12.29 -11.43 2.88
N MET A 312 -11.02 -11.30 3.25
CA MET A 312 -9.96 -12.08 2.63
C MET A 312 -8.99 -12.52 3.73
N TYR A 313 -8.13 -13.47 3.40
CA TYR A 313 -7.24 -14.04 4.39
C TYR A 313 -5.88 -14.22 3.75
N HIS A 314 -4.82 -14.06 4.54
CA HIS A 314 -3.53 -14.47 4.01
C HIS A 314 -2.60 -14.97 5.11
N LYS A 315 -1.45 -15.49 4.68
CA LYS A 315 -0.39 -15.89 5.61
C LYS A 315 0.92 -15.97 4.86
N THR A 316 1.97 -15.39 5.44
CA THR A 316 3.33 -15.58 4.96
C THR A 316 4.01 -16.65 5.78
N GLY A 317 5.04 -17.26 5.18
CA GLY A 317 5.88 -18.15 5.97
C GLY A 317 7.25 -18.21 5.37
N SER A 318 8.25 -18.41 6.22
CA SER A 318 9.62 -18.56 5.74
C SER A 318 10.37 -19.56 6.60
N THR A 319 11.35 -20.21 5.99
CA THR A 319 12.44 -20.85 6.74
C THR A 319 13.74 -20.23 6.23
N ASN A 320 14.88 -20.75 6.70
CA ASN A 320 16.14 -20.17 6.26
C ASN A 320 16.29 -20.20 4.74
N GLY A 321 15.73 -21.22 4.09
CA GLY A 321 15.95 -21.40 2.68
C GLY A 321 14.71 -21.41 1.81
N PHE A 322 13.57 -21.04 2.38
CA PHE A 322 12.30 -21.13 1.67
C PHE A 322 11.40 -19.94 1.99
N GLY A 323 10.57 -19.57 1.03
CA GLY A 323 9.51 -18.60 1.27
C GLY A 323 8.18 -19.12 0.77
N THR A 324 7.11 -18.68 1.45
CA THR A 324 5.74 -19.11 1.14
C THR A 324 4.81 -17.91 1.30
N TYR A 325 3.76 -17.89 0.49
CA TYR A 325 2.68 -16.94 0.70
C TYR A 325 1.40 -17.57 0.20
N VAL A 326 0.34 -17.51 1.00
N VAL A 326 0.32 -17.36 0.95
CA VAL A 326 -0.97 -18.01 0.57
CA VAL A 326 -0.96 -18.00 0.70
C VAL A 326 -2.00 -16.95 0.87
C VAL A 326 -2.05 -16.96 0.93
N VAL A 327 -2.98 -16.83 -0.01
CA VAL A 327 -4.01 -15.79 0.09
C VAL A 327 -5.29 -16.30 -0.57
N PHE A 328 -6.44 -15.98 0.00
CA PHE A 328 -7.68 -16.34 -0.69
C PHE A 328 -8.78 -15.37 -0.32
N ILE A 329 -9.77 -15.27 -1.21
CA ILE A 329 -10.84 -14.29 -1.14
C ILE A 329 -12.14 -15.03 -1.44
N PRO A 330 -12.90 -15.41 -0.40
CA PRO A 330 -14.07 -16.29 -0.63
C PRO A 330 -15.08 -15.77 -1.63
N LYS A 331 -15.50 -14.51 -1.54
CA LYS A 331 -16.59 -14.11 -2.43
C LYS A 331 -16.14 -13.86 -3.86
N GLU A 332 -14.84 -13.80 -4.11
CA GLU A 332 -14.31 -13.79 -5.47
C GLU A 332 -13.92 -15.18 -5.94
N ASN A 333 -14.10 -16.20 -5.10
CA ASN A 333 -13.83 -17.59 -5.43
C ASN A 333 -12.43 -17.77 -5.99
N ILE A 334 -11.46 -17.12 -5.36
CA ILE A 334 -10.11 -17.07 -5.92
C ILE A 334 -9.09 -17.16 -4.79
N GLY A 335 -7.95 -17.77 -5.09
CA GLY A 335 -6.82 -17.78 -4.18
C GLY A 335 -5.53 -17.99 -4.93
N LEU A 336 -4.42 -17.78 -4.22
CA LEU A 336 -3.10 -17.88 -4.81
C LEU A 336 -2.13 -18.46 -3.79
N VAL A 337 -1.18 -19.28 -4.26
CA VAL A 337 -0.08 -19.80 -3.44
C VAL A 337 1.23 -19.52 -4.17
N MET A 338 2.23 -19.04 -3.45
CA MET A 338 3.60 -18.90 -3.94
C MET A 338 4.52 -19.72 -3.03
N LEU A 339 5.38 -20.55 -3.64
CA LEU A 339 6.43 -21.30 -2.93
C LEU A 339 7.76 -21.00 -3.61
N THR A 340 8.78 -20.69 -2.82
CA THR A 340 10.13 -20.50 -3.37
C THR A 340 11.15 -21.25 -2.52
N ASN A 341 12.26 -21.63 -3.16
CA ASN A 341 13.35 -22.23 -2.40
C ASN A 341 14.49 -21.24 -2.18
N LYS A 342 14.13 -19.99 -1.95
CA LYS A 342 14.98 -18.96 -1.36
C LYS A 342 14.04 -17.91 -0.79
N ARG A 343 14.36 -17.36 0.39
CA ARG A 343 13.55 -16.27 0.91
C ARG A 343 13.64 -15.03 0.01
N ILE A 344 12.52 -14.37 -0.17
CA ILE A 344 12.45 -13.02 -0.73
C ILE A 344 11.62 -12.19 0.25
N PRO A 345 11.77 -10.87 0.24
CA PRO A 345 11.03 -10.05 1.20
C PRO A 345 9.53 -10.31 1.17
N ASN A 346 8.91 -10.33 2.36
CA ASN A 346 7.46 -10.56 2.41
C ASN A 346 6.71 -9.54 1.61
N GLU A 347 7.16 -8.28 1.61
CA GLU A 347 6.42 -7.24 0.90
C GLU A 347 6.34 -7.56 -0.59
N GLU A 348 7.40 -8.14 -1.16
CA GLU A 348 7.37 -8.48 -2.58
C GLU A 348 6.38 -9.59 -2.88
N ARG A 349 6.27 -10.58 -1.99
CA ARG A 349 5.29 -11.65 -2.16
C ARG A 349 3.87 -11.07 -2.14
N ILE A 350 3.59 -10.21 -1.16
CA ILE A 350 2.27 -9.61 -1.02
C ILE A 350 1.95 -8.74 -2.22
N LYS A 351 2.93 -7.91 -2.64
CA LYS A 351 2.69 -7.00 -3.76
C LYS A 351 2.41 -7.75 -5.04
N ALA A 352 3.22 -8.79 -5.33
CA ALA A 352 3.03 -9.54 -6.55
C ALA A 352 1.68 -10.27 -6.57
N ALA A 353 1.29 -10.87 -5.44
CA ALA A 353 0.00 -11.54 -5.39
C ALA A 353 -1.16 -10.56 -5.54
N TYR A 354 -1.04 -9.38 -4.91
CA TYR A 354 -2.05 -8.34 -5.04
C TYR A 354 -2.24 -7.94 -6.50
N ALA A 355 -1.12 -7.73 -7.21
CA ALA A 355 -1.20 -7.36 -8.63
C ALA A 355 -1.89 -8.43 -9.44
N VAL A 356 -1.52 -9.71 -9.24
CA VAL A 356 -2.12 -10.81 -10.01
C VAL A 356 -3.61 -10.92 -9.70
N LEU A 357 -3.97 -11.04 -8.42
CA LEU A 357 -5.36 -11.28 -8.06
C LEU A 357 -6.26 -10.14 -8.52
N ASN A 358 -5.76 -8.91 -8.51
CA ASN A 358 -6.62 -7.81 -8.90
C ASN A 358 -6.75 -7.65 -10.39
N ALA A 359 -5.84 -8.23 -11.17
CA ALA A 359 -5.91 -8.13 -12.62
C ALA A 359 -6.59 -9.32 -13.30
N ILE A 360 -6.85 -10.41 -12.58
CA ILE A 360 -7.50 -11.57 -13.20
C ILE A 360 -8.95 -11.22 -13.48
N LYS A 361 -9.41 -11.52 -14.70
CA LYS A 361 -10.78 -11.16 -15.04
C LYS A 361 -11.75 -12.04 -14.27
N LYS A 362 -12.78 -11.40 -13.70
CA LYS A 362 -13.77 -12.10 -12.89
C LYS A 362 -14.64 -12.99 -13.78
N THR B 4 1.86 36.72 20.06
CA THR B 4 1.28 37.84 19.31
C THR B 4 -0.24 37.70 19.21
N PRO B 5 -0.94 38.82 19.04
CA PRO B 5 -2.39 38.74 18.85
C PRO B 5 -2.78 38.10 17.53
N LYS B 6 -1.99 38.33 16.48
CA LYS B 6 -2.31 37.74 15.18
C LYS B 6 -2.22 36.22 15.24
N ASP B 7 -1.21 35.69 15.95
CA ASP B 7 -1.10 34.24 16.10
C ASP B 7 -2.37 33.65 16.71
N GLN B 8 -2.91 34.28 17.76
CA GLN B 8 -4.12 33.77 18.38
C GLN B 8 -5.35 34.04 17.51
N GLU B 9 -5.35 35.14 16.78
CA GLU B 9 -6.44 35.44 15.86
C GLU B 9 -6.57 34.37 14.79
N ILE B 10 -5.45 34.02 14.16
CA ILE B 10 -5.48 33.04 13.08
C ILE B 10 -5.73 31.64 13.62
N LYS B 11 -5.15 31.30 14.76
CA LYS B 11 -5.44 30.00 15.36
C LYS B 11 -6.92 29.83 15.64
N LYS B 12 -7.58 30.87 16.15
CA LYS B 12 -9.02 30.80 16.38
C LYS B 12 -9.77 30.64 15.06
N LEU B 13 -9.37 31.40 14.04
CA LEU B 13 -10.10 31.35 12.77
C LEU B 13 -9.96 29.98 12.11
N VAL B 14 -8.76 29.40 12.17
CA VAL B 14 -8.56 28.09 11.57
C VAL B 14 -9.28 27.03 12.39
N ASP B 15 -9.23 27.15 13.72
CA ASP B 15 -10.00 26.25 14.58
C ASP B 15 -11.49 26.30 14.26
N GLN B 16 -12.03 27.50 14.06
CA GLN B 16 -13.47 27.59 13.82
C GLN B 16 -13.85 27.04 12.46
N ASN B 17 -12.95 27.09 11.47
CA ASN B 17 -13.38 26.75 10.12
C ASN B 17 -12.85 25.43 9.61
N PHE B 18 -11.64 25.04 10.01
CA PHE B 18 -11.05 23.78 9.55
C PHE B 18 -11.17 22.66 10.57
N LYS B 19 -10.97 22.95 11.86
CA LYS B 19 -11.04 21.90 12.87
C LYS B 19 -12.34 21.09 12.83
N PRO B 20 -13.53 21.68 12.61
CA PRO B 20 -14.75 20.84 12.54
C PRO B 20 -14.71 19.82 11.42
N LEU B 21 -13.99 20.09 10.33
CA LEU B 21 -13.95 19.14 9.23
C LEU B 21 -13.37 17.80 9.66
N LEU B 22 -12.52 17.78 10.69
CA LEU B 22 -11.94 16.53 11.16
C LEU B 22 -13.03 15.58 11.65
N GLU B 23 -13.90 16.06 12.53
CA GLU B 23 -15.00 15.23 13.00
C GLU B 23 -15.96 14.90 11.88
N LYS B 24 -16.35 15.91 11.08
CA LYS B 24 -17.37 15.73 10.06
C LYS B 24 -17.00 14.65 9.07
N TYR B 25 -15.73 14.59 8.67
CA TYR B 25 -15.33 13.62 7.65
C TYR B 25 -14.44 12.53 8.21
N ASP B 26 -14.25 12.49 9.53
CA ASP B 26 -13.47 11.43 10.17
C ASP B 26 -12.02 11.44 9.66
N VAL B 27 -11.42 12.63 9.56
CA VAL B 27 -10.08 12.81 9.01
C VAL B 27 -9.05 12.53 10.11
N PRO B 28 -8.12 11.59 9.91
CA PRO B 28 -7.14 11.32 10.99
C PRO B 28 -6.24 12.50 11.30
N GLY B 29 -5.76 13.21 10.29
CA GLY B 29 -4.75 14.23 10.51
C GLY B 29 -4.87 15.36 9.51
N MET B 30 -4.48 16.56 9.95
CA MET B 30 -4.60 17.77 9.15
C MET B 30 -3.51 18.73 9.49
N ALA B 31 -3.01 19.46 8.48
CA ALA B 31 -2.12 20.59 8.67
C ALA B 31 -2.67 21.77 7.90
N VAL B 32 -2.83 22.91 8.56
CA VAL B 32 -3.36 24.11 7.93
C VAL B 32 -2.41 25.25 8.25
N GLY B 33 -2.00 25.97 7.22
CA GLY B 33 -1.11 27.10 7.38
C GLY B 33 -1.62 28.34 6.67
N VAL B 34 -1.31 29.49 7.27
CA VAL B 34 -1.57 30.79 6.68
C VAL B 34 -0.25 31.53 6.59
N ILE B 35 -0.03 32.22 5.47
CA ILE B 35 1.07 33.18 5.40
C ILE B 35 0.49 34.56 5.19
N GLN B 36 0.95 35.53 5.96
CA GLN B 36 0.47 36.90 5.79
C GLN B 36 1.62 37.84 6.08
N ASN B 37 1.93 38.71 5.11
CA ASN B 37 2.98 39.71 5.27
C ASN B 37 4.30 39.05 5.68
N ASN B 38 4.62 37.93 5.04
CA ASN B 38 5.85 37.16 5.26
C ASN B 38 5.93 36.53 6.66
N LYS B 39 4.80 36.41 7.38
CA LYS B 39 4.73 35.66 8.63
C LYS B 39 3.91 34.39 8.42
N LYS B 40 4.40 33.27 8.96
CA LYS B 40 3.78 31.97 8.76
C LYS B 40 3.12 31.53 10.07
N TYR B 41 1.92 30.97 9.93
CA TYR B 41 1.11 30.49 11.05
C TYR B 41 0.73 29.05 10.74
N GLU B 42 1.10 28.12 11.62
CA GLU B 42 1.00 26.70 11.34
C GLU B 42 0.13 26.04 12.40
N MET B 43 -0.89 25.30 11.97
CA MET B 43 -1.80 24.59 12.86
C MET B 43 -1.78 23.10 12.48
N TYR B 44 -1.54 22.23 13.46
CA TYR B 44 -1.50 20.79 13.22
C TYR B 44 -2.54 20.08 14.07
N TYR B 45 -3.23 19.11 13.47
CA TYR B 45 -4.27 18.36 14.16
C TYR B 45 -4.10 16.86 13.94
N GLY B 46 -4.36 16.08 14.98
CA GLY B 46 -4.57 14.66 14.79
C GLY B 46 -3.30 13.88 14.44
N LEU B 47 -3.49 12.77 13.71
CA LEU B 47 -2.46 11.75 13.53
C LEU B 47 -2.02 11.63 12.08
N GLN B 48 -0.70 11.55 11.90
CA GLN B 48 -0.08 11.28 10.62
C GLN B 48 -0.15 9.79 10.28
N SER B 49 -0.11 8.92 11.29
CA SER B 49 -0.16 7.47 11.10
C SER B 49 -0.96 6.89 12.26
N VAL B 50 -2.01 6.14 11.95
CA VAL B 50 -2.77 5.48 13.00
C VAL B 50 -2.00 4.29 13.59
N GLN B 51 -1.44 3.42 12.75
CA GLN B 51 -0.70 2.28 13.28
C GLN B 51 0.47 2.73 14.15
N ASP B 52 1.18 3.76 13.73
CA ASP B 52 2.40 4.16 14.42
C ASP B 52 2.12 5.20 15.49
N LYS B 53 0.85 5.60 15.64
CA LYS B 53 0.41 6.54 16.67
C LYS B 53 1.22 7.83 16.66
N LYS B 54 1.46 8.38 15.47
CA LYS B 54 2.29 9.57 15.31
C LYS B 54 1.42 10.79 15.05
N ALA B 55 1.63 11.84 15.84
CA ALA B 55 0.87 13.06 15.65
C ALA B 55 1.40 13.85 14.45
N VAL B 56 0.48 14.51 13.73
CA VAL B 56 0.88 15.43 12.66
C VAL B 56 1.72 16.55 13.26
N ASN B 57 2.78 16.92 12.55
CA ASN B 57 3.69 17.96 13.01
C ASN B 57 4.35 18.63 11.83
N SER B 58 5.25 19.58 12.11
CA SER B 58 5.89 20.34 11.02
C SER B 58 6.78 19.49 10.14
N SER B 59 7.12 18.26 10.55
CA SER B 59 7.89 17.38 9.67
C SER B 59 7.03 16.44 8.85
N THR B 60 5.73 16.39 9.08
CA THR B 60 4.86 15.42 8.40
C THR B 60 4.80 15.74 6.92
N ILE B 61 5.07 14.71 6.11
CA ILE B 61 5.03 14.79 4.66
C ILE B 61 3.70 14.26 4.18
N PHE B 62 2.99 15.05 3.36
CA PHE B 62 1.69 14.70 2.80
C PHE B 62 1.79 14.56 1.27
N GLU B 63 0.93 13.72 0.68
CA GLU B 63 0.79 13.68 -0.78
C GLU B 63 -0.02 14.88 -1.26
N LEU B 64 0.51 15.59 -2.26
CA LEU B 64 -0.13 16.79 -2.79
C LEU B 64 -1.13 16.51 -3.90
N GLY B 65 -1.14 15.31 -4.47
CA GLY B 65 -2.06 15.07 -5.59
C GLY B 65 -1.80 16.06 -6.71
N SER B 66 -2.88 16.57 -7.29
CA SER B 66 -2.77 17.46 -8.45
C SER B 66 -2.11 18.78 -8.13
N VAL B 67 -1.92 19.14 -6.86
CA VAL B 67 -1.11 20.33 -6.58
C VAL B 67 0.33 20.14 -7.07
N SER B 68 0.75 18.88 -7.28
CA SER B 68 2.01 18.60 -7.95
C SER B 68 2.16 19.33 -9.29
N LYS B 69 1.05 19.53 -10.00
CA LYS B 69 1.09 20.21 -11.30
C LYS B 69 1.61 21.62 -11.17
N LEU B 70 1.50 22.25 -9.99
CA LEU B 70 2.07 23.58 -9.82
C LEU B 70 3.59 23.54 -9.86
N PHE B 71 4.18 22.46 -9.33
CA PHE B 71 5.65 22.35 -9.42
C PHE B 71 6.10 22.01 -10.83
N THR B 72 5.31 21.19 -11.55
CA THR B 72 5.62 20.93 -12.95
C THR B 72 5.56 22.22 -13.75
N ALA B 73 4.53 23.02 -13.50
CA ALA B 73 4.40 24.31 -14.19
C ALA B 73 5.59 25.19 -13.90
N THR B 74 5.99 25.26 -12.63
CA THR B 74 7.14 26.06 -12.25
C THR B 74 8.42 25.56 -12.92
N ALA B 75 8.60 24.24 -13.02
CA ALA B 75 9.74 23.68 -13.73
C ALA B 75 9.71 24.04 -15.22
N GLY B 76 8.55 23.99 -15.86
CA GLY B 76 8.45 24.44 -17.24
C GLY B 76 8.77 25.91 -17.40
N GLY B 77 8.26 26.74 -16.49
CA GLY B 77 8.59 28.14 -16.53
C GLY B 77 10.06 28.37 -16.34
N TYR B 78 10.70 27.50 -15.57
CA TYR B 78 12.14 27.61 -15.35
C TYR B 78 12.90 27.28 -16.62
N ALA B 79 12.56 26.14 -17.25
CA ALA B 79 13.25 25.72 -18.46
C ALA B 79 13.05 26.74 -19.58
N LYS B 80 11.83 27.28 -19.70
CA LYS B 80 11.55 28.20 -20.79
C LYS B 80 12.36 29.48 -20.63
N ASN B 81 12.43 30.01 -19.42
CA ASN B 81 13.09 31.29 -19.24
C ASN B 81 14.60 31.18 -19.16
N LYS B 82 15.13 29.96 -19.15
CA LYS B 82 16.56 29.74 -19.37
C LYS B 82 16.84 29.31 -20.80
N GLY B 83 15.83 29.36 -21.67
CA GLY B 83 15.99 29.02 -23.06
C GLY B 83 16.17 27.56 -23.36
N LYS B 84 15.80 26.66 -22.44
CA LYS B 84 15.90 25.24 -22.74
C LYS B 84 14.74 24.75 -23.59
N ILE B 85 13.57 25.39 -23.46
CA ILE B 85 12.41 25.11 -24.30
C ILE B 85 11.78 26.43 -24.69
N SER B 86 10.95 26.37 -25.73
CA SER B 86 9.95 27.38 -26.03
C SER B 86 8.59 26.72 -25.88
N PHE B 87 7.62 27.47 -25.36
CA PHE B 87 6.26 26.90 -25.28
C PHE B 87 5.65 26.68 -26.67
N ASP B 88 6.25 27.26 -27.71
CA ASP B 88 5.83 27.02 -29.08
C ASP B 88 6.41 25.76 -29.69
N ASP B 89 7.37 25.13 -29.02
CA ASP B 89 7.91 23.86 -29.42
C ASP B 89 6.85 22.76 -29.28
N THR B 90 7.13 21.64 -29.92
CA THR B 90 6.31 20.45 -29.89
C THR B 90 7.10 19.31 -29.27
N PRO B 91 6.42 18.28 -28.74
CA PRO B 91 7.15 17.27 -27.94
C PRO B 91 8.21 16.53 -28.74
N GLY B 92 8.01 16.35 -30.04
CA GLY B 92 8.96 15.60 -30.85
C GLY B 92 10.30 16.26 -31.02
N LYS B 93 10.41 17.55 -30.70
CA LYS B 93 11.72 18.20 -30.72
C LYS B 93 12.64 17.66 -29.64
N TYR B 94 12.08 17.14 -28.55
CA TYR B 94 12.88 16.67 -27.42
C TYR B 94 12.79 15.18 -27.20
N TRP B 95 11.62 14.59 -27.42
CA TRP B 95 11.45 13.15 -27.37
C TRP B 95 11.47 12.70 -28.83
N LYS B 96 12.66 12.30 -29.29
CA LYS B 96 12.91 12.14 -30.72
C LYS B 96 11.93 11.16 -31.37
N GLU B 97 11.53 10.12 -30.64
CA GLU B 97 10.65 9.11 -31.21
C GLU B 97 9.27 9.64 -31.56
N LEU B 98 8.90 10.83 -31.09
CA LEU B 98 7.63 11.44 -31.47
C LEU B 98 7.76 12.40 -32.64
N LYS B 99 8.96 12.59 -33.20
CA LYS B 99 9.11 13.58 -34.25
C LYS B 99 8.24 13.21 -35.45
N ASN B 100 7.49 14.19 -35.94
CA ASN B 100 6.59 14.10 -37.10
C ASN B 100 5.38 13.19 -36.87
N THR B 101 5.16 12.71 -35.64
CA THR B 101 3.91 12.03 -35.32
C THR B 101 2.80 13.06 -35.18
N PRO B 102 1.53 12.64 -35.20
CA PRO B 102 0.45 13.64 -35.04
C PRO B 102 0.52 14.43 -33.73
N ILE B 103 0.92 13.79 -32.63
CA ILE B 103 1.08 14.50 -31.35
C ILE B 103 2.11 15.61 -31.45
N ASP B 104 3.05 15.51 -32.39
CA ASP B 104 4.04 16.55 -32.63
C ASP B 104 3.44 17.80 -33.26
N GLN B 105 2.14 17.82 -33.51
CA GLN B 105 1.46 19.05 -33.92
C GLN B 105 0.92 19.84 -32.74
N VAL B 106 1.04 19.31 -31.53
CA VAL B 106 0.55 19.96 -30.31
C VAL B 106 1.75 20.68 -29.68
N ASN B 107 1.57 21.95 -29.30
CA ASN B 107 2.72 22.60 -28.68
C ASN B 107 2.71 22.41 -27.17
N LEU B 108 3.82 22.79 -26.54
CA LEU B 108 4.00 22.50 -25.11
C LEU B 108 3.00 23.24 -24.24
N LEU B 109 2.63 24.48 -24.62
CA LEU B 109 1.67 25.21 -23.82
C LEU B 109 0.31 24.53 -23.87
N GLN B 110 -0.04 23.97 -25.02
CA GLN B 110 -1.29 23.23 -25.16
C GLN B 110 -1.27 21.96 -24.32
N LEU B 111 -0.14 21.26 -24.26
CA LEU B 111 -0.06 20.10 -23.36
C LEU B 111 -0.19 20.53 -21.90
N ALA B 112 0.51 21.60 -21.51
CA ALA B 112 0.49 22.05 -20.12
C ALA B 112 -0.87 22.57 -19.68
N THR B 113 -1.71 23.04 -20.60
CA THR B 113 -3.00 23.62 -20.26
C THR B 113 -4.16 22.81 -20.84
N TYR B 114 -3.89 21.54 -21.17
CA TYR B 114 -4.93 20.52 -21.36
C TYR B 114 -5.75 20.72 -22.62
N THR B 115 -5.18 21.30 -23.67
CA THR B 115 -5.98 21.61 -24.86
C THR B 115 -5.58 20.82 -26.11
N SER B 116 -4.94 19.65 -25.94
CA SER B 116 -4.55 18.87 -27.13
C SER B 116 -5.75 18.40 -27.97
N GLY B 117 -6.93 18.31 -27.37
CA GLY B 117 -8.13 17.87 -28.07
C GLY B 117 -8.38 16.38 -28.04
N ASN B 118 -7.45 15.59 -27.47
CA ASN B 118 -7.69 14.15 -27.38
C ASN B 118 -6.83 13.49 -26.30
N LEU B 119 -6.85 14.02 -25.09
CA LEU B 119 -6.22 13.38 -23.94
C LEU B 119 -7.19 13.42 -22.78
N ALA B 120 -7.49 12.26 -22.21
CA ALA B 120 -8.49 12.14 -21.15
C ALA B 120 -7.83 12.35 -19.79
N LEU B 121 -8.64 12.26 -18.74
CA LEU B 121 -8.13 12.49 -17.39
C LEU B 121 -6.97 11.56 -17.04
N GLN B 122 -7.07 10.28 -17.40
CA GLN B 122 -6.00 9.31 -17.14
C GLN B 122 -5.60 8.63 -18.44
N PHE B 123 -4.42 7.99 -18.40
CA PHE B 123 -4.09 7.05 -19.46
C PHE B 123 -5.14 5.95 -19.51
N PRO B 124 -5.26 5.25 -20.65
CA PRO B 124 -6.03 4.00 -20.65
C PRO B 124 -5.46 3.05 -19.61
N ASP B 125 -6.33 2.18 -19.09
CA ASP B 125 -5.91 1.26 -18.03
C ASP B 125 -4.77 0.37 -18.49
N GLU B 126 -4.76 -0.01 -19.77
CA GLU B 126 -3.71 -0.90 -20.28
C GLU B 126 -2.34 -0.24 -20.19
N VAL B 127 -2.24 1.03 -20.55
CA VAL B 127 -0.94 1.70 -20.66
C VAL B 127 -0.31 1.83 -19.28
N LYS B 128 0.94 1.33 -19.14
CA LYS B 128 1.58 1.29 -17.83
C LYS B 128 3.10 1.33 -17.91
N THR B 129 3.70 0.72 -18.93
CA THR B 129 5.15 0.71 -19.08
C THR B 129 5.61 1.88 -19.94
N ASP B 130 6.90 2.21 -19.81
CA ASP B 130 7.45 3.35 -20.52
C ASP B 130 7.28 3.21 -22.03
N GLN B 131 7.46 1.99 -22.55
CA GLN B 131 7.27 1.77 -23.99
C GLN B 131 5.79 1.79 -24.36
N GLN B 132 4.91 1.40 -23.44
CA GLN B 132 3.48 1.52 -23.70
C GLN B 132 3.06 2.98 -23.81
N VAL B 133 3.61 3.82 -22.93
CA VAL B 133 3.31 5.25 -22.98
C VAL B 133 3.81 5.85 -24.30
N LEU B 134 5.04 5.53 -24.67
CA LEU B 134 5.56 6.00 -25.96
C LEU B 134 4.68 5.54 -27.11
N THR B 135 4.31 4.25 -27.13
CA THR B 135 3.40 3.76 -28.15
C THR B 135 2.09 4.52 -28.15
N PHE B 136 1.53 4.77 -26.96
CA PHE B 136 0.30 5.53 -26.83
C PHE B 136 0.44 6.90 -27.51
N PHE B 137 1.53 7.62 -27.25
CA PHE B 137 1.69 8.93 -27.85
C PHE B 137 2.05 8.85 -29.34
N LYS B 138 2.78 7.82 -29.76
CA LYS B 138 3.05 7.63 -31.18
C LYS B 138 1.78 7.35 -31.96
N ASP B 139 0.86 6.58 -31.36
CA ASP B 139 -0.39 6.18 -32.00
C ASP B 139 -1.47 7.25 -31.91
N TRP B 140 -1.25 8.27 -31.09
CA TRP B 140 -2.22 9.32 -30.86
C TRP B 140 -2.61 10.03 -32.16
N LYS B 141 -3.89 10.33 -32.28
CA LYS B 141 -4.44 11.08 -33.41
C LYS B 141 -5.34 12.18 -32.87
N PRO B 142 -5.39 13.32 -33.56
CA PRO B 142 -6.26 14.42 -33.10
C PRO B 142 -7.73 14.03 -33.15
N LYS B 143 -8.49 14.64 -32.24
CA LYS B 143 -9.94 14.48 -32.23
C LYS B 143 -10.53 15.88 -32.30
N ASN B 144 -10.64 16.55 -31.15
CA ASN B 144 -11.14 17.91 -31.14
C ASN B 144 -10.06 18.84 -31.70
N SER B 145 -10.50 19.98 -32.25
CA SER B 145 -9.54 20.91 -32.86
CA SER B 145 -9.55 20.91 -32.85
C SER B 145 -8.49 21.31 -31.84
N ILE B 146 -7.22 21.18 -32.22
CA ILE B 146 -6.12 21.37 -31.28
C ILE B 146 -6.14 22.80 -30.72
N GLY B 147 -6.01 22.91 -29.40
CA GLY B 147 -6.03 24.20 -28.73
C GLY B 147 -7.39 24.77 -28.37
N GLU B 148 -8.50 24.18 -28.86
CA GLU B 148 -9.80 24.83 -28.67
C GLU B 148 -10.57 24.33 -27.46
N TYR B 149 -10.29 23.11 -26.98
CA TYR B 149 -11.07 22.49 -25.92
C TYR B 149 -10.17 22.11 -24.76
N ARG B 150 -10.57 22.53 -23.56
CA ARG B 150 -9.86 22.18 -22.33
C ARG B 150 -10.45 20.88 -21.81
N GLN B 151 -9.63 19.84 -21.69
CA GLN B 151 -10.03 18.62 -20.99
C GLN B 151 -8.95 18.28 -19.97
N TYR B 152 -9.28 18.43 -18.70
CA TYR B 152 -8.29 18.22 -17.63
C TYR B 152 -7.68 16.82 -17.73
N SER B 153 -6.34 16.76 -17.74
CA SER B 153 -5.70 15.54 -18.20
C SER B 153 -4.34 15.32 -17.55
N ASN B 154 -4.21 14.20 -16.84
CA ASN B 154 -2.90 13.83 -16.31
C ASN B 154 -1.90 13.47 -17.39
N PRO B 155 -2.24 12.68 -18.41
CA PRO B 155 -1.23 12.39 -19.45
C PRO B 155 -0.78 13.64 -20.19
N SER B 156 -1.63 14.66 -20.31
CA SER B 156 -1.24 15.86 -21.03
C SER B 156 -0.12 16.59 -20.30
N ILE B 157 -0.32 16.88 -19.01
CA ILE B 157 0.77 17.56 -18.31
C ILE B 157 1.92 16.61 -17.98
N GLY B 158 1.65 15.30 -17.90
CA GLY B 158 2.74 14.34 -17.80
C GLY B 158 3.70 14.40 -18.99
N LEU B 159 3.16 14.43 -20.21
CA LEU B 159 4.01 14.59 -21.39
C LEU B 159 4.77 15.91 -21.35
N PHE B 160 4.09 17.01 -20.95
CA PHE B 160 4.78 18.29 -20.78
C PHE B 160 5.96 18.16 -19.83
N GLY B 161 5.74 17.53 -18.67
CA GLY B 161 6.82 17.40 -17.69
C GLY B 161 7.97 16.53 -18.20
N LYS B 162 7.64 15.48 -18.96
CA LYS B 162 8.70 14.65 -19.53
C LYS B 162 9.52 15.43 -20.52
N VAL B 163 8.86 16.25 -21.35
CA VAL B 163 9.57 17.12 -22.29
C VAL B 163 10.44 18.13 -21.55
N VAL B 164 9.90 18.74 -20.48
CA VAL B 164 10.68 19.70 -19.70
C VAL B 164 11.95 19.02 -19.16
N ALA B 165 11.79 17.80 -18.66
CA ALA B 165 12.95 17.09 -18.12
C ALA B 165 13.98 16.81 -19.21
N LEU B 166 13.51 16.30 -20.36
CA LEU B 166 14.41 16.03 -21.48
C LEU B 166 15.18 17.29 -21.86
N SER B 167 14.51 18.44 -21.85
CA SER B 167 15.19 19.69 -22.22
C SER B 167 16.27 20.07 -21.23
N MET B 168 16.19 19.61 -19.99
CA MET B 168 17.23 19.87 -19.02
C MET B 168 18.19 18.71 -18.85
N ASN B 169 18.05 17.67 -19.65
CA ASN B 169 18.97 16.53 -19.63
C ASN B 169 19.03 15.85 -18.26
N LYS B 170 17.91 15.80 -17.56
CA LYS B 170 17.81 15.16 -16.25
C LYS B 170 16.46 14.47 -16.17
N PRO B 171 16.34 13.40 -15.39
CA PRO B 171 15.02 12.84 -15.12
C PRO B 171 14.16 13.86 -14.37
N PHE B 172 12.85 13.75 -14.54
CA PHE B 172 11.96 14.76 -13.94
C PHE B 172 12.13 14.82 -12.43
N ASP B 173 12.30 13.68 -11.77
CA ASP B 173 12.46 13.73 -10.32
C ASP B 173 13.70 14.54 -9.91
N GLN B 174 14.77 14.48 -10.70
CA GLN B 174 15.95 15.28 -10.37
C GLN B 174 15.75 16.74 -10.71
N VAL B 175 14.98 17.04 -11.76
CA VAL B 175 14.64 18.43 -12.05
C VAL B 175 14.04 19.09 -10.82
N LEU B 176 13.09 18.41 -10.18
CA LEU B 176 12.46 19.00 -9.01
C LEU B 176 13.39 18.95 -7.81
N GLU B 177 13.97 17.79 -7.54
CA GLU B 177 14.67 17.63 -6.26
C GLU B 177 16.03 18.33 -6.24
N LYS B 178 16.71 18.42 -7.39
CA LYS B 178 18.03 19.05 -7.42
C LYS B 178 17.99 20.50 -7.90
N THR B 179 16.96 20.93 -8.66
CA THR B 179 16.93 22.29 -9.17
C THR B 179 15.78 23.12 -8.64
N ILE B 180 14.53 22.68 -8.84
CA ILE B 180 13.39 23.55 -8.55
C ILE B 180 13.16 23.70 -7.04
N PHE B 181 13.07 22.58 -6.30
CA PHE B 181 12.82 22.69 -4.86
C PHE B 181 13.90 23.50 -4.16
N PRO B 182 15.19 23.30 -4.43
CA PRO B 182 16.21 24.13 -3.76
C PRO B 182 16.11 25.60 -4.10
N ALA B 183 15.79 25.92 -5.36
CA ALA B 183 15.62 27.32 -5.74
C ALA B 183 14.45 27.96 -5.02
N LEU B 184 13.43 27.18 -4.68
CA LEU B 184 12.32 27.70 -3.90
C LEU B 184 12.59 27.70 -2.39
N GLY B 185 13.74 27.17 -1.97
CA GLY B 185 14.07 27.08 -0.56
C GLY B 185 13.35 25.98 0.18
N LEU B 186 12.88 24.95 -0.53
CA LEU B 186 12.17 23.86 0.13
C LEU B 186 13.14 22.84 0.70
N LYS B 187 12.81 22.33 1.89
CA LYS B 187 13.70 21.45 2.63
C LYS B 187 13.26 20.00 2.65
N HIS B 188 11.96 19.72 2.52
CA HIS B 188 11.43 18.37 2.70
C HIS B 188 10.28 18.15 1.72
N SER B 189 10.52 18.50 0.46
CA SER B 189 9.61 18.20 -0.64
C SER B 189 10.26 17.18 -1.55
N TYR B 190 9.48 16.21 -2.03
CA TYR B 190 10.03 15.04 -2.68
C TYR B 190 9.15 14.55 -3.82
N VAL B 191 9.79 14.04 -4.86
CA VAL B 191 9.10 13.09 -5.73
C VAL B 191 9.20 11.67 -5.18
N ASN B 192 10.39 11.30 -4.68
CA ASN B 192 10.62 10.02 -4.04
C ASN B 192 11.05 10.30 -2.61
N VAL B 193 10.20 9.95 -1.66
CA VAL B 193 10.54 10.13 -0.23
C VAL B 193 11.71 9.21 0.11
N PRO B 194 12.82 9.73 0.61
CA PRO B 194 13.96 8.85 0.92
C PRO B 194 13.72 8.05 2.20
N LYS B 195 14.50 6.97 2.35
CA LYS B 195 14.35 6.09 3.50
C LYS B 195 14.39 6.87 4.82
N THR B 196 15.30 7.85 4.93
CA THR B 196 15.45 8.62 6.16
C THR B 196 14.22 9.47 6.49
N GLN B 197 13.31 9.69 5.53
CA GLN B 197 12.11 10.47 5.79
C GLN B 197 10.84 9.64 5.85
N MET B 198 10.92 8.33 5.63
CA MET B 198 9.72 7.50 5.66
C MET B 198 9.03 7.62 7.01
N GLN B 199 9.80 7.82 8.09
CA GLN B 199 9.20 7.99 9.41
C GLN B 199 8.34 9.24 9.51
N ASN B 200 8.47 10.19 8.58
CA ASN B 200 7.67 11.41 8.56
C ASN B 200 6.59 11.40 7.50
N TYR B 201 6.52 10.34 6.70
CA TYR B 201 5.59 10.30 5.58
C TYR B 201 4.25 9.78 6.07
N ALA B 202 3.25 10.66 6.08
CA ALA B 202 1.92 10.28 6.51
C ALA B 202 1.38 9.15 5.64
N PHE B 203 0.55 8.33 6.25
CA PHE B 203 -0.33 7.44 5.50
C PHE B 203 -1.59 8.19 5.17
N GLY B 204 -2.14 7.92 3.98
CA GLY B 204 -3.49 8.36 3.70
C GLY B 204 -4.51 7.33 4.16
N TYR B 205 -5.77 7.73 4.22
CA TYR B 205 -6.83 6.85 4.72
C TYR B 205 -8.05 6.95 3.81
N ASN B 206 -8.65 5.81 3.46
CA ASN B 206 -9.84 5.84 2.59
C ASN B 206 -11.10 5.93 3.44
N GLN B 207 -12.30 5.81 2.81
CA GLN B 207 -13.55 6.00 3.54
C GLN B 207 -13.77 4.92 4.59
N GLU B 208 -13.17 3.73 4.42
CA GLU B 208 -13.21 2.68 5.42
C GLU B 208 -12.09 2.79 6.45
N ASN B 209 -11.33 3.89 6.46
CA ASN B 209 -10.16 4.10 7.33
C ASN B 209 -9.08 3.04 7.13
N GLN B 210 -8.97 2.51 5.92
CA GLN B 210 -7.78 1.70 5.69
C GLN B 210 -6.64 2.59 5.20
N PRO B 211 -5.39 2.32 5.59
CA PRO B 211 -4.27 3.13 5.10
C PRO B 211 -4.07 2.89 3.62
N ILE B 212 -3.57 3.91 2.95
CA ILE B 212 -3.43 3.86 1.49
C ILE B 212 -2.38 4.88 1.10
N ARG B 213 -1.54 4.49 0.15
CA ARG B 213 -0.40 5.28 -0.27
C ARG B 213 -0.38 5.34 -1.79
N VAL B 214 -0.03 6.49 -2.36
CA VAL B 214 -0.02 6.60 -3.82
C VAL B 214 1.04 5.67 -4.38
N ASN B 215 0.65 4.89 -5.37
CA ASN B 215 1.55 3.92 -5.96
C ASN B 215 2.26 4.53 -7.16
N ARG B 216 3.46 4.02 -7.44
CA ARG B 216 4.17 4.42 -8.64
C ARG B 216 3.34 4.03 -9.85
N GLY B 217 3.14 4.97 -10.75
CA GLY B 217 2.39 4.59 -11.95
C GLY B 217 3.22 4.89 -13.15
N PRO B 218 2.60 5.21 -14.29
CA PRO B 218 3.32 5.62 -15.48
C PRO B 218 4.09 6.95 -15.38
N LEU B 219 4.70 7.34 -16.48
CA LEU B 219 5.53 8.55 -16.40
C LEU B 219 4.71 9.81 -16.17
N ASP B 220 3.39 9.79 -16.37
CA ASP B 220 2.62 10.98 -16.03
C ASP B 220 2.44 11.13 -14.53
N ALA B 221 2.67 10.06 -13.76
CA ALA B 221 2.35 10.09 -12.35
C ALA B 221 3.09 11.21 -11.64
N ALA B 222 4.42 11.31 -11.85
CA ALA B 222 5.17 12.28 -11.06
C ALA B 222 4.79 13.71 -11.39
N PRO B 223 4.80 14.17 -12.65
CA PRO B 223 4.46 15.58 -12.89
C PRO B 223 3.00 15.89 -12.64
N ALA B 224 2.12 14.89 -12.72
CA ALA B 224 0.70 15.17 -12.55
C ALA B 224 0.24 15.04 -11.11
N TYR B 225 0.79 14.08 -10.34
CA TYR B 225 0.23 13.91 -8.99
C TYR B 225 1.20 13.28 -8.00
N GLY B 226 2.50 13.29 -8.23
CA GLY B 226 3.37 12.52 -7.37
C GLY B 226 4.32 13.27 -6.45
N VAL B 227 4.06 14.54 -6.17
CA VAL B 227 4.90 15.31 -5.26
C VAL B 227 4.36 15.18 -3.85
N LYS B 228 5.27 15.12 -2.88
CA LYS B 228 4.95 15.10 -1.46
C LYS B 228 5.66 16.26 -0.77
N SER B 229 5.00 16.84 0.23
CA SER B 229 5.61 17.99 0.92
C SER B 229 5.08 18.12 2.34
N THR B 230 5.75 19.00 3.11
CA THR B 230 5.35 19.40 4.44
C THR B 230 4.61 20.72 4.41
N LEU B 231 3.90 21.02 5.52
CA LEU B 231 3.24 22.33 5.59
C LEU B 231 4.22 23.48 5.54
N PRO B 232 5.34 23.46 6.28
CA PRO B 232 6.28 24.59 6.17
C PRO B 232 6.79 24.79 4.75
N ASP B 233 7.03 23.71 4.00
CA ASP B 233 7.50 23.84 2.62
C ASP B 233 6.42 24.45 1.73
N MET B 234 5.18 23.96 1.82
CA MET B 234 4.06 24.57 1.10
C MET B 234 3.88 26.03 1.43
N LEU B 235 4.12 26.44 2.68
CA LEU B 235 3.98 27.86 3.00
C LEU B 235 5.11 28.68 2.36
N SER B 236 6.33 28.14 2.33
CA SER B 236 7.42 28.77 1.57
C SER B 236 7.08 28.87 0.09
N PHE B 237 6.45 27.83 -0.46
CA PHE B 237 6.07 27.88 -1.87
C PHE B 237 5.04 28.98 -2.11
N ILE B 238 4.07 29.14 -1.21
CA ILE B 238 3.12 30.23 -1.36
C ILE B 238 3.82 31.56 -1.20
N HIS B 239 4.75 31.67 -0.25
CA HIS B 239 5.49 32.92 -0.12
C HIS B 239 6.23 33.27 -1.42
N ALA B 240 6.80 32.27 -2.08
CA ALA B 240 7.49 32.55 -3.33
C ALA B 240 6.51 33.00 -4.41
N ASN B 241 5.28 32.47 -4.40
CA ASN B 241 4.29 32.93 -5.36
C ASN B 241 3.77 34.33 -5.02
N LEU B 242 3.73 34.69 -3.73
CA LEU B 242 3.30 36.01 -3.33
C LEU B 242 4.38 37.06 -3.59
N ASN B 243 5.66 36.70 -3.48
CA ASN B 243 6.77 37.67 -3.58
C ASN B 243 7.88 37.15 -4.49
N PRO B 244 7.59 36.88 -5.76
CA PRO B 244 8.64 36.33 -6.63
C PRO B 244 9.80 37.27 -6.83
N GLN B 245 9.57 38.58 -6.70
CA GLN B 245 10.65 39.55 -6.92
C GLN B 245 11.76 39.43 -5.89
N LYS B 246 11.50 38.79 -4.73
CA LYS B 246 12.51 38.58 -3.71
C LYS B 246 13.47 37.44 -4.02
N TYR B 247 13.25 36.72 -5.10
CA TYR B 247 13.99 35.52 -5.40
C TYR B 247 14.94 35.76 -6.56
N PRO B 248 16.01 34.97 -6.65
CA PRO B 248 16.93 35.07 -7.79
C PRO B 248 16.19 34.89 -9.10
N ALA B 249 16.72 35.56 -10.14
CA ALA B 249 16.04 35.70 -11.42
C ALA B 249 15.54 34.38 -12.00
N ASP B 250 16.36 33.33 -11.96
CA ASP B 250 15.98 32.11 -12.67
C ASP B 250 14.65 31.58 -12.15
N ILE B 251 14.47 31.53 -10.83
CA ILE B 251 13.23 30.98 -10.27
C ILE B 251 12.14 32.05 -10.22
N GLN B 252 12.52 33.33 -10.07
CA GLN B 252 11.56 34.40 -10.10
C GLN B 252 10.83 34.43 -11.45
N ARG B 253 11.58 34.31 -12.55
CA ARG B 253 10.94 34.24 -13.86
C ARG B 253 10.07 33.00 -13.99
N ALA B 254 10.50 31.87 -13.40
CA ALA B 254 9.72 30.64 -13.46
C ALA B 254 8.37 30.82 -12.79
N ILE B 255 8.38 31.39 -11.57
CA ILE B 255 7.16 31.65 -10.83
C ILE B 255 6.27 32.58 -11.62
N ASN B 256 6.85 33.65 -12.16
CA ASN B 256 6.02 34.60 -12.92
C ASN B 256 5.38 33.95 -14.14
N GLU B 257 6.08 33.00 -14.79
CA GLU B 257 5.50 32.27 -15.92
C GLU B 257 4.24 31.51 -15.53
N THR B 258 4.12 31.10 -14.28
CA THR B 258 2.95 30.34 -13.85
C THR B 258 1.76 31.22 -13.50
N HIS B 259 1.93 32.53 -13.50
CA HIS B 259 0.85 33.44 -13.12
C HIS B 259 0.12 34.03 -14.32
N GLN B 260 0.60 33.80 -15.52
CA GLN B 260 -0.04 34.36 -16.71
C GLN B 260 -1.27 33.53 -17.09
N GLY B 261 -2.45 34.17 -17.11
CA GLY B 261 -3.62 33.53 -17.69
C GLY B 261 -3.41 33.25 -19.16
N ARG B 262 -3.79 32.04 -19.59
CA ARG B 262 -3.55 31.62 -20.96
C ARG B 262 -4.82 31.55 -21.80
N TYR B 263 -5.95 31.35 -21.15
CA TYR B 263 -7.27 31.41 -21.80
C TYR B 263 -8.29 31.45 -20.68
N GLN B 264 -9.56 31.62 -21.01
CA GLN B 264 -10.53 31.51 -19.95
C GLN B 264 -11.60 30.48 -20.28
N VAL B 265 -12.23 29.97 -19.22
CA VAL B 265 -13.40 29.11 -19.35
C VAL B 265 -14.39 29.61 -18.31
N ASN B 266 -15.49 30.22 -18.76
CA ASN B 266 -16.48 30.84 -17.88
C ASN B 266 -15.72 31.85 -17.02
N THR B 267 -15.81 31.78 -15.70
CA THR B 267 -15.21 32.77 -14.82
C THR B 267 -13.81 32.38 -14.35
N MET B 268 -13.22 31.33 -14.91
CA MET B 268 -11.91 30.87 -14.48
C MET B 268 -10.92 31.15 -15.61
N TYR B 269 -9.74 31.66 -15.24
CA TYR B 269 -8.64 31.79 -16.17
C TYR B 269 -7.68 30.64 -15.92
N GLN B 270 -7.27 29.95 -16.98
CA GLN B 270 -6.27 28.88 -16.84
C GLN B 270 -4.89 29.49 -16.95
N ALA B 271 -4.15 29.46 -15.84
CA ALA B 271 -2.73 29.79 -15.90
C ALA B 271 -1.94 28.48 -16.07
N LEU B 272 -0.62 28.57 -15.96
CA LEU B 272 0.21 27.38 -16.02
C LEU B 272 0.13 26.72 -14.64
N GLY B 273 -0.58 25.60 -14.55
CA GLY B 273 -0.82 24.96 -13.28
C GLY B 273 -1.95 25.60 -12.50
N TRP B 274 -1.74 26.86 -12.10
CA TRP B 274 -2.71 27.57 -11.27
C TRP B 274 -3.99 27.87 -12.04
N GLU B 275 -5.11 27.85 -11.30
CA GLU B 275 -6.34 28.49 -11.72
C GLU B 275 -6.36 29.93 -11.20
N GLU B 276 -6.77 30.86 -12.06
CA GLU B 276 -6.69 32.29 -11.78
C GLU B 276 -8.08 32.90 -11.85
N PHE B 277 -8.34 33.87 -10.97
CA PHE B 277 -9.66 34.51 -10.90
C PHE B 277 -9.46 36.00 -10.74
N SER B 278 -10.44 36.77 -11.24
CA SER B 278 -10.50 38.17 -10.87
C SER B 278 -10.77 38.31 -9.37
N TYR B 279 -10.03 39.20 -8.72
CA TYR B 279 -10.21 39.42 -7.28
C TYR B 279 -10.83 40.78 -7.05
N PRO B 280 -11.88 40.90 -6.20
CA PRO B 280 -12.45 39.87 -5.33
C PRO B 280 -13.28 38.85 -6.07
N ALA B 281 -13.15 37.59 -5.69
CA ALA B 281 -13.88 36.49 -6.31
C ALA B 281 -14.95 36.04 -5.34
N THR B 282 -16.14 35.79 -5.87
CA THR B 282 -17.20 35.23 -5.05
C THR B 282 -16.90 33.77 -4.71
N LEU B 283 -17.40 33.34 -3.56
CA LEU B 283 -17.29 31.93 -3.20
C LEU B 283 -17.81 31.03 -4.33
N GLN B 284 -18.92 31.41 -4.95
CA GLN B 284 -19.50 30.56 -6.01
C GLN B 284 -18.56 30.42 -7.21
N THR B 285 -17.88 31.50 -7.60
CA THR B 285 -16.92 31.42 -8.69
C THR B 285 -15.81 30.42 -8.37
N LEU B 286 -15.30 30.45 -7.15
CA LEU B 286 -14.26 29.51 -6.73
C LEU B 286 -14.79 28.08 -6.68
N LEU B 287 -16.04 27.90 -6.22
CA LEU B 287 -16.63 26.56 -6.23
C LEU B 287 -16.83 26.06 -7.65
N ASP B 288 -17.28 26.95 -8.54
CA ASP B 288 -17.58 26.57 -9.92
C ASP B 288 -16.35 26.05 -10.65
N SER B 289 -15.16 26.57 -10.32
CA SER B 289 -13.94 26.16 -11.01
C SER B 289 -13.68 24.67 -10.90
N ASN B 290 -14.20 24.01 -9.87
CA ASN B 290 -14.01 22.58 -9.69
C ASN B 290 -15.31 21.80 -9.85
N SER B 291 -16.22 22.33 -10.66
CA SER B 291 -17.43 21.60 -10.98
C SER B 291 -17.12 20.34 -11.79
N GLU B 292 -18.06 19.39 -11.78
CA GLU B 292 -17.94 18.24 -12.67
C GLU B 292 -17.78 18.67 -14.12
N GLN B 293 -18.49 19.73 -14.53
CA GLN B 293 -18.40 20.16 -15.92
C GLN B 293 -16.97 20.59 -16.28
N ILE B 294 -16.33 21.36 -15.39
CA ILE B 294 -14.98 21.86 -15.67
C ILE B 294 -13.95 20.74 -15.52
N VAL B 295 -14.09 19.91 -14.49
CA VAL B 295 -13.03 18.95 -14.20
C VAL B 295 -13.11 17.71 -15.09
N MET B 296 -14.31 17.30 -15.51
CA MET B 296 -14.47 16.00 -16.15
C MET B 296 -14.82 16.05 -17.64
N LYS B 297 -15.29 17.18 -18.15
CA LYS B 297 -15.81 17.26 -19.51
C LYS B 297 -14.94 18.20 -20.35
N PRO B 298 -14.97 18.07 -21.67
CA PRO B 298 -14.29 19.08 -22.51
C PRO B 298 -15.07 20.38 -22.50
N ASN B 299 -14.35 21.51 -22.44
CA ASN B 299 -14.97 22.82 -22.47
C ASN B 299 -14.25 23.73 -23.47
N LYS B 300 -15.03 24.44 -24.28
CA LYS B 300 -14.44 25.36 -25.25
C LYS B 300 -13.76 26.50 -24.52
N VAL B 301 -12.52 26.81 -24.91
CA VAL B 301 -11.81 27.91 -24.26
C VAL B 301 -12.05 29.20 -25.03
N THR B 302 -11.96 30.32 -24.34
CA THR B 302 -12.06 31.61 -24.99
C THR B 302 -10.82 32.46 -24.73
N ALA B 303 -10.46 33.25 -25.73
CA ALA B 303 -9.28 34.12 -25.61
C ALA B 303 -9.50 35.19 -24.56
N ILE B 304 -8.41 35.61 -23.94
CA ILE B 304 -8.46 36.60 -22.88
C ILE B 304 -8.50 37.99 -23.50
N SER B 305 -9.46 38.80 -23.08
CA SER B 305 -9.60 40.14 -23.61
C SER B 305 -8.75 41.13 -22.80
N GLU B 307 -5.54 40.19 -19.18
CA GLU B 307 -5.78 39.58 -17.87
C GLU B 307 -6.48 40.56 -16.95
N PRO B 308 -7.17 40.06 -15.92
CA PRO B 308 -7.71 40.96 -14.89
C PRO B 308 -6.60 41.72 -14.20
N SER B 309 -6.89 42.96 -13.81
CA SER B 309 -5.88 43.78 -13.17
C SER B 309 -5.53 43.25 -11.78
N VAL B 310 -6.54 42.84 -11.02
CA VAL B 310 -6.36 42.30 -9.68
C VAL B 310 -6.79 40.84 -9.71
N LYS B 311 -5.94 39.95 -9.19
CA LYS B 311 -6.26 38.54 -9.32
C LYS B 311 -5.89 37.73 -8.08
N MET B 312 -6.41 36.52 -8.06
CA MET B 312 -6.14 35.52 -7.03
C MET B 312 -6.02 34.17 -7.72
N TYR B 313 -5.44 33.21 -7.00
CA TYR B 313 -5.10 31.93 -7.60
C TYR B 313 -5.38 30.80 -6.64
N HIS B 314 -5.82 29.63 -7.16
CA HIS B 314 -5.92 28.49 -6.26
C HIS B 314 -5.69 27.20 -7.01
N LYS B 315 -5.56 26.11 -6.26
CA LYS B 315 -5.46 24.79 -6.85
C LYS B 315 -5.83 23.75 -5.82
N THR B 316 -6.71 22.83 -6.21
CA THR B 316 -7.00 21.66 -5.38
C THR B 316 -6.14 20.49 -5.82
N GLY B 317 -6.01 19.52 -4.92
CA GLY B 317 -5.32 18.30 -5.27
C GLY B 317 -5.82 17.17 -4.41
N SER B 318 -5.93 15.98 -4.97
CA SER B 318 -6.26 14.81 -4.19
C SER B 318 -5.48 13.60 -4.69
N THR B 319 -5.24 12.68 -3.78
CA THR B 319 -4.97 11.27 -4.11
C THR B 319 -6.04 10.43 -3.44
N ASN B 320 -5.92 9.10 -3.56
CA ASN B 320 -6.95 8.26 -2.95
C ASN B 320 -7.00 8.45 -1.45
N GLY B 321 -5.90 8.88 -0.83
CA GLY B 321 -5.83 9.01 0.60
C GLY B 321 -5.62 10.41 1.14
N PHE B 322 -5.50 11.42 0.28
CA PHE B 322 -5.11 12.77 0.73
C PHE B 322 -5.93 13.86 0.04
N GLY B 323 -6.14 14.96 0.77
CA GLY B 323 -6.70 16.17 0.20
C GLY B 323 -5.73 17.33 0.36
N THR B 324 -5.72 18.23 -0.62
CA THR B 324 -4.86 19.41 -0.59
C THR B 324 -5.63 20.60 -1.15
N TYR B 325 -5.34 21.78 -0.61
CA TYR B 325 -5.85 23.00 -1.21
C TYR B 325 -4.85 24.11 -0.94
N VAL B 326 -4.56 24.89 -1.96
CA VAL B 326 -3.65 26.02 -1.87
CA VAL B 326 -3.67 26.05 -1.82
C VAL B 326 -4.30 27.23 -2.53
N VAL B 327 -4.16 28.41 -1.93
CA VAL B 327 -4.80 29.63 -2.42
C VAL B 327 -3.96 30.83 -1.98
N PHE B 328 -3.81 31.81 -2.87
CA PHE B 328 -3.12 33.04 -2.48
C PHE B 328 -3.68 34.25 -3.24
N ILE B 329 -3.58 35.41 -2.58
CA ILE B 329 -4.10 36.68 -3.08
C ILE B 329 -2.99 37.71 -3.02
N PRO B 330 -2.34 38.04 -4.14
CA PRO B 330 -1.18 38.94 -4.09
C PRO B 330 -1.49 40.31 -3.50
N LYS B 331 -2.63 40.90 -3.84
CA LYS B 331 -2.94 42.25 -3.36
C LYS B 331 -2.96 42.30 -1.84
N GLU B 332 -3.41 41.23 -1.20
CA GLU B 332 -3.50 41.16 0.25
C GLU B 332 -2.28 40.53 0.91
N ASN B 333 -1.26 40.16 0.12
CA ASN B 333 -0.06 39.47 0.62
C ASN B 333 -0.39 38.31 1.55
N ILE B 334 -1.35 37.47 1.14
CA ILE B 334 -1.84 36.42 2.02
C ILE B 334 -2.09 35.14 1.22
N GLY B 335 -1.95 34.01 1.91
CA GLY B 335 -2.24 32.71 1.30
C GLY B 335 -2.49 31.66 2.37
N LEU B 336 -3.01 30.52 1.91
CA LEU B 336 -3.40 29.45 2.82
C LEU B 336 -3.10 28.10 2.16
N VAL B 337 -2.68 27.14 2.97
CA VAL B 337 -2.46 25.76 2.54
C VAL B 337 -3.22 24.85 3.51
N MET B 338 -3.98 23.90 2.96
CA MET B 338 -4.58 22.82 3.72
C MET B 338 -4.09 21.47 3.23
N LEU B 339 -3.63 20.63 4.16
CA LEU B 339 -3.22 19.25 3.86
C LEU B 339 -3.97 18.30 4.79
N THR B 340 -4.61 17.27 4.23
CA THR B 340 -5.28 16.24 5.02
C THR B 340 -4.88 14.86 4.54
N ASN B 341 -4.85 13.91 5.46
CA ASN B 341 -4.59 12.51 5.07
C ASN B 341 -5.88 11.69 5.02
N LYS B 342 -6.98 12.35 4.66
CA LYS B 342 -8.16 11.70 4.09
C LYS B 342 -8.79 12.70 3.12
N ARG B 343 -9.29 12.23 1.98
CA ARG B 343 -9.98 13.14 1.07
C ARG B 343 -11.22 13.71 1.72
N ILE B 344 -11.44 14.99 1.50
CA ILE B 344 -12.72 15.61 1.84
C ILE B 344 -13.18 16.39 0.62
N PRO B 345 -14.48 16.64 0.49
CA PRO B 345 -14.97 17.33 -0.70
C PRO B 345 -14.26 18.65 -0.97
N ASN B 346 -13.97 18.88 -2.26
CA ASN B 346 -13.32 20.14 -2.65
C ASN B 346 -14.08 21.35 -2.14
N GLU B 347 -15.42 21.32 -2.24
CA GLU B 347 -16.21 22.48 -1.83
C GLU B 347 -15.94 22.83 -0.36
N GLU B 348 -15.70 21.83 0.49
CA GLU B 348 -15.46 22.11 1.89
C GLU B 348 -14.10 22.76 2.10
N ARG B 349 -13.09 22.35 1.31
CA ARG B 349 -11.81 23.00 1.44
C ARG B 349 -11.90 24.47 1.01
N ILE B 350 -12.57 24.73 -0.10
CA ILE B 350 -12.64 26.07 -0.67
C ILE B 350 -13.45 26.99 0.25
N LYS B 351 -14.59 26.51 0.75
CA LYS B 351 -15.42 27.29 1.65
C LYS B 351 -14.68 27.62 2.95
N ALA B 352 -14.00 26.64 3.54
CA ALA B 352 -13.28 26.90 4.79
C ALA B 352 -12.16 27.90 4.58
N ALA B 353 -11.41 27.79 3.48
CA ALA B 353 -10.34 28.75 3.23
C ALA B 353 -10.91 30.12 2.94
N TYR B 354 -12.06 30.18 2.27
CA TYR B 354 -12.70 31.45 1.96
C TYR B 354 -13.07 32.19 3.23
N ALA B 355 -13.71 31.51 4.18
CA ALA B 355 -14.05 32.14 5.46
C ALA B 355 -12.81 32.65 6.19
N VAL B 356 -11.74 31.85 6.24
CA VAL B 356 -10.54 32.27 6.97
C VAL B 356 -9.92 33.50 6.32
N LEU B 357 -9.74 33.46 5.01
CA LEU B 357 -9.00 34.54 4.37
C LEU B 357 -9.80 35.85 4.41
N ASN B 358 -11.13 35.77 4.33
CA ASN B 358 -11.91 36.99 4.32
C ASN B 358 -12.15 37.56 5.71
N ALA B 359 -11.74 36.85 6.76
CA ALA B 359 -11.90 37.33 8.13
C ALA B 359 -10.59 37.85 8.74
N ILE B 360 -9.46 37.56 8.13
CA ILE B 360 -8.18 38.00 8.69
C ILE B 360 -8.03 39.50 8.45
N LYS B 361 -7.64 40.23 9.49
CA LYS B 361 -7.53 41.69 9.44
C LYS B 361 -6.62 42.21 8.33
#